data_8DIL
#
_entry.id   8DIL
#
_cell.length_a   42.588
_cell.length_b   72.719
_cell.length_c   172.854
_cell.angle_alpha   90.000
_cell.angle_beta   93.940
_cell.angle_gamma   90.000
#
_symmetry.space_group_name_H-M   'P 1 21 1'
#
loop_
_entity.id
_entity.type
_entity.pdbx_description
1 polymer 'Putative NAD(P)H nitroreductase'
2 non-polymer 'FLAVIN MONONUCLEOTIDE'
3 non-polymer 'CITRIC ACID'
4 non-polymer 'TRIETHYLENE GLYCOL'
5 non-polymer 1,2-ETHANEDIOL
6 non-polymer DI(HYDROXYETHYL)ETHER
7 water water
#
_entity_poly.entity_id   1
_entity_poly.type   'polypeptide(L)'
_entity_poly.pdbx_seq_one_letter_code
;MDALELLVNRRSASRLAEPAPVGEQLQNILRAGMRVPDHKSLQPWRFFVIEGEGRDRFSAVLEQGAVAAGGDEKAIEKAR
NAPFRAPLIITVVAKCEENHKVPVWEQEMSAGCAVMAMQMAAIAQGFNGIWRSGALTESAIVREAFECRPQDKIVGFLYL
GTPQLKASTTISTPDPTPFVRYF
;
_entity_poly.pdbx_strand_id   A,B,C,D,E,F
#
loop_
_chem_comp.id
_chem_comp.type
_chem_comp.name
_chem_comp.formula
CIT non-polymer 'CITRIC ACID' 'C6 H8 O7'
EDO non-polymer 1,2-ETHANEDIOL 'C2 H6 O2'
FMN non-polymer 'FLAVIN MONONUCLEOTIDE' 'C17 H21 N4 O9 P'
PEG non-polymer DI(HYDROXYETHYL)ETHER 'C4 H10 O3'
PGE non-polymer 'TRIETHYLENE GLYCOL' 'C6 H14 O4'
#
# COMPACT_ATOMS: atom_id res chain seq x y z
N MET A 1 -29.19 54.54 20.00
CA MET A 1 -29.84 53.30 20.38
C MET A 1 -29.03 52.10 19.84
N ASP A 2 -28.86 51.08 20.68
CA ASP A 2 -28.12 49.89 20.28
C ASP A 2 -28.96 49.01 19.36
N ALA A 3 -28.35 48.54 18.27
CA ALA A 3 -29.08 47.77 17.27
C ALA A 3 -29.61 46.47 17.87
N LEU A 4 -28.74 45.70 18.53
CA LEU A 4 -29.14 44.40 19.05
C LEU A 4 -30.21 44.54 20.13
N GLU A 5 -30.06 45.54 21.01
CA GLU A 5 -31.06 45.74 22.06
C GLU A 5 -32.42 46.10 21.49
N LEU A 6 -32.45 46.89 20.41
CA LEU A 6 -33.72 47.18 19.76
C LEU A 6 -34.33 45.91 19.18
N LEU A 7 -33.53 45.11 18.48
CA LEU A 7 -34.04 43.90 17.85
C LEU A 7 -34.58 42.91 18.88
N VAL A 8 -33.92 42.82 20.04
CA VAL A 8 -34.32 41.83 21.03
C VAL A 8 -35.48 42.32 21.88
N ASN A 9 -35.63 43.64 22.04
CA ASN A 9 -36.65 44.21 22.92
C ASN A 9 -37.79 44.89 22.17
N ARG A 10 -37.86 44.75 20.84
CA ARG A 10 -38.79 45.53 20.04
C ARG A 10 -40.22 45.35 20.54
N ARG A 11 -40.93 46.47 20.68
CA ARG A 11 -42.34 46.47 21.04
C ARG A 11 -43.07 47.53 20.23
N SER A 12 -44.34 47.28 19.96
CA SER A 12 -45.19 48.24 19.28
C SER A 12 -45.89 49.12 20.30
N ALA A 13 -46.44 50.23 19.82
CA ALA A 13 -47.21 51.15 20.65
C ALA A 13 -48.45 51.58 19.88
N SER A 14 -49.61 51.41 20.51
CA SER A 14 -50.88 51.77 19.86
C SER A 14 -51.40 53.13 20.29
N ARG A 15 -51.03 53.60 21.48
CA ARG A 15 -51.43 54.92 21.95
C ARG A 15 -50.39 55.92 21.44
N LEU A 16 -50.74 56.64 20.37
CA LEU A 16 -49.81 57.50 19.66
C LEU A 16 -50.37 58.90 19.57
N ALA A 17 -49.49 59.90 19.71
CA ALA A 17 -49.89 61.31 19.67
C ALA A 17 -48.83 62.12 18.95
N GLU A 18 -49.16 63.39 18.69
CA GLU A 18 -48.19 64.34 18.18
C GLU A 18 -47.03 64.46 19.18
N PRO A 19 -45.81 64.76 18.70
CA PRO A 19 -45.47 64.97 17.29
C PRO A 19 -45.32 63.67 16.49
N ALA A 20 -45.68 63.73 15.22
CA ALA A 20 -45.28 62.70 14.27
C ALA A 20 -43.85 62.96 13.83
N PRO A 21 -43.14 61.92 13.38
CA PRO A 21 -41.82 62.17 12.75
C PRO A 21 -42.04 62.94 11.46
N VAL A 22 -41.27 64.03 11.28
CA VAL A 22 -41.30 64.81 10.06
C VAL A 22 -39.87 65.14 9.67
N GLY A 23 -39.71 65.76 8.51
CA GLY A 23 -38.38 66.10 8.04
C GLY A 23 -37.53 64.87 7.83
N GLU A 24 -36.27 64.94 8.29
CA GLU A 24 -35.36 63.82 8.12
C GLU A 24 -35.73 62.62 8.98
N GLN A 25 -36.50 62.83 10.05
CA GLN A 25 -37.00 61.70 10.83
C GLN A 25 -37.93 60.83 9.99
N LEU A 26 -38.87 61.46 9.30
CA LEU A 26 -39.75 60.72 8.39
C LEU A 26 -38.95 60.12 7.24
N GLN A 27 -38.01 60.89 6.66
CA GLN A 27 -37.21 60.38 5.57
C GLN A 27 -36.38 59.19 6.01
N ASN A 28 -35.87 59.20 7.24
CA ASN A 28 -35.10 58.07 7.74
C ASN A 28 -35.96 56.82 7.88
N ILE A 29 -37.23 56.99 8.27
CA ILE A 29 -38.14 55.86 8.32
C ILE A 29 -38.34 55.27 6.93
N LEU A 30 -38.56 56.13 5.94
CA LEU A 30 -38.74 55.67 4.57
C LEU A 30 -37.46 55.05 4.01
N ARG A 31 -36.29 55.56 4.40
CA ARG A 31 -35.03 54.94 3.98
C ARG A 31 -34.91 53.51 4.51
N ALA A 32 -35.34 53.29 5.75
CA ALA A 32 -35.28 51.94 6.31
C ALA A 32 -36.18 50.99 5.52
N GLY A 33 -37.34 51.48 5.08
CA GLY A 33 -38.25 50.62 4.33
C GLY A 33 -37.66 50.18 3.01
N MET A 34 -36.97 51.08 2.33
CA MET A 34 -36.40 50.77 1.02
C MET A 34 -35.11 49.95 1.10
N ARG A 35 -34.64 49.61 2.30
CA ARG A 35 -33.39 48.88 2.46
C ARG A 35 -33.61 47.41 2.75
N VAL A 36 -34.86 46.93 2.72
CA VAL A 36 -35.19 45.57 3.12
C VAL A 36 -34.69 44.56 2.09
N PRO A 37 -34.54 43.29 2.46
CA PRO A 37 -34.23 42.25 1.47
C PRO A 37 -35.22 42.28 0.32
N ASP A 38 -34.72 41.94 -0.87
CA ASP A 38 -35.47 42.17 -2.10
C ASP A 38 -34.84 41.26 -3.18
N HIS A 39 -35.48 40.12 -3.43
CA HIS A 39 -34.94 39.15 -4.39
C HIS A 39 -34.94 39.74 -5.79
N LYS A 40 -33.76 39.81 -6.40
CA LYS A 40 -33.52 40.35 -7.74
C LYS A 40 -33.78 41.85 -7.85
N SER A 41 -33.82 42.55 -6.71
CA SER A 41 -33.84 44.02 -6.66
C SER A 41 -35.02 44.60 -7.45
N LEU A 42 -36.20 44.03 -7.24
CA LEU A 42 -37.39 44.51 -7.92
C LEU A 42 -37.97 45.76 -7.28
N GLN A 43 -37.58 46.07 -6.05
CA GLN A 43 -38.14 47.18 -5.27
C GLN A 43 -39.68 47.17 -5.35
N PRO A 44 -40.33 46.09 -4.86
CA PRO A 44 -41.75 45.88 -5.12
C PRO A 44 -42.67 46.50 -4.06
N TRP A 45 -42.50 47.79 -3.78
CA TRP A 45 -43.33 48.44 -2.78
C TRP A 45 -43.57 49.89 -3.15
N ARG A 46 -44.66 50.42 -2.60
CA ARG A 46 -44.98 51.85 -2.62
C ARG A 46 -45.38 52.25 -1.21
N PHE A 47 -44.85 53.38 -0.74
CA PHE A 47 -45.11 53.89 0.60
C PHE A 47 -45.99 55.14 0.48
N PHE A 48 -47.22 55.04 0.98
CA PHE A 48 -48.16 56.16 0.94
C PHE A 48 -48.15 56.87 2.30
N VAL A 49 -47.63 58.08 2.33
CA VAL A 49 -47.61 58.88 3.56
C VAL A 49 -48.98 59.52 3.75
N ILE A 50 -49.57 59.31 4.93
CA ILE A 50 -50.90 59.81 5.26
C ILE A 50 -50.76 60.73 6.47
N GLU A 51 -50.94 62.04 6.25
CA GLU A 51 -50.82 63.01 7.32
C GLU A 51 -51.65 64.24 6.97
N GLY A 52 -51.97 65.02 8.00
CA GLY A 52 -52.72 66.25 7.78
C GLY A 52 -54.05 65.99 7.10
N GLU A 53 -54.32 66.75 6.03
CA GLU A 53 -55.56 66.55 5.27
C GLU A 53 -55.63 65.16 4.66
N GLY A 54 -54.48 64.54 4.39
CA GLY A 54 -54.49 63.17 3.91
C GLY A 54 -55.14 62.20 4.87
N ARG A 55 -55.05 62.50 6.17
CA ARG A 55 -55.70 61.65 7.17
C ARG A 55 -57.21 61.68 7.00
N ASP A 56 -57.76 62.85 6.66
CA ASP A 56 -59.18 62.96 6.41
C ASP A 56 -59.57 62.24 5.13
N ARG A 57 -58.74 62.32 4.09
N ARG A 57 -58.73 62.31 4.09
CA ARG A 57 -59.02 61.58 2.86
CA ARG A 57 -59.03 61.57 2.87
C ARG A 57 -58.95 60.08 3.11
C ARG A 57 -58.94 60.07 3.09
N PHE A 58 -58.00 59.64 3.93
CA PHE A 58 -57.94 58.23 4.31
C PHE A 58 -59.18 57.83 5.09
N SER A 59 -59.65 58.72 5.96
CA SER A 59 -60.85 58.45 6.76
C SER A 59 -62.07 58.21 5.86
N ALA A 60 -62.24 59.06 4.84
CA ALA A 60 -63.38 58.92 3.95
C ALA A 60 -63.29 57.64 3.12
N VAL A 61 -62.06 57.26 2.73
CA VAL A 61 -61.86 56.03 1.96
C VAL A 61 -62.22 54.82 2.80
N LEU A 62 -61.73 54.79 4.05
CA LEU A 62 -62.03 53.66 4.93
C LEU A 62 -63.52 53.61 5.27
N GLU A 63 -64.13 54.77 5.47
CA GLU A 63 -65.57 54.80 5.72
C GLU A 63 -66.34 54.26 4.52
N GLN A 64 -65.96 54.67 3.31
CA GLN A 64 -66.57 54.12 2.09
C GLN A 64 -66.42 52.61 2.03
N GLY A 65 -65.23 52.11 2.34
CA GLY A 65 -65.00 50.68 2.29
C GLY A 65 -65.83 49.91 3.31
N ALA A 66 -66.01 50.50 4.50
CA ALA A 66 -66.84 49.87 5.52
C ALA A 66 -68.29 49.80 5.07
N VAL A 67 -68.81 50.87 4.47
CA VAL A 67 -70.17 50.86 3.94
C VAL A 67 -70.32 49.76 2.90
N ALA A 68 -69.41 49.73 1.93
CA ALA A 68 -69.49 48.75 0.86
C ALA A 68 -69.29 47.32 1.34
N ALA A 69 -68.64 47.13 2.49
CA ALA A 69 -68.45 45.79 3.05
C ALA A 69 -69.64 45.32 3.87
N GLY A 70 -70.67 46.15 4.01
CA GLY A 70 -71.85 45.77 4.77
C GLY A 70 -71.74 45.98 6.26
N GLY A 71 -70.88 46.88 6.72
CA GLY A 71 -70.76 47.14 8.14
C GLY A 71 -71.95 47.89 8.69
N ASP A 72 -72.17 47.73 10.00
CA ASP A 72 -73.26 48.42 10.67
C ASP A 72 -72.78 49.82 11.07
N GLU A 73 -73.63 50.55 11.80
CA GLU A 73 -73.30 51.92 12.18
C GLU A 73 -72.00 51.98 12.97
N LYS A 74 -71.85 51.09 13.95
CA LYS A 74 -70.64 51.07 14.77
C LYS A 74 -69.40 50.84 13.92
N ALA A 75 -69.47 49.89 12.98
CA ALA A 75 -68.30 49.56 12.18
C ALA A 75 -67.96 50.67 11.19
N ILE A 76 -68.98 51.34 10.65
CA ILE A 76 -68.74 52.42 9.69
C ILE A 76 -68.07 53.60 10.38
N GLU A 77 -68.56 53.97 11.56
CA GLU A 77 -67.98 55.09 12.29
C GLU A 77 -66.59 54.73 12.80
N LYS A 78 -66.39 53.47 13.20
CA LYS A 78 -65.07 53.03 13.62
C LYS A 78 -64.07 53.15 12.48
N ALA A 79 -64.50 52.83 11.26
CA ALA A 79 -63.63 53.00 10.10
C ALA A 79 -63.34 54.47 9.85
N ARG A 80 -64.37 55.32 9.94
CA ARG A 80 -64.17 56.75 9.72
C ARG A 80 -63.18 57.33 10.73
N ASN A 81 -63.25 56.88 11.98
CA ASN A 81 -62.39 57.39 13.03
C ASN A 81 -61.04 56.66 13.12
N ALA A 82 -60.84 55.60 12.34
CA ALA A 82 -59.63 54.81 12.46
C ALA A 82 -58.36 55.61 12.21
N PRO A 83 -58.27 56.47 11.18
CA PRO A 83 -57.00 57.19 10.95
C PRO A 83 -56.62 58.16 12.05
N PHE A 84 -57.56 58.62 12.86
CA PHE A 84 -57.25 59.62 13.88
C PHE A 84 -56.70 59.02 15.16
N ARG A 85 -56.24 57.77 15.11
CA ARG A 85 -55.53 57.16 16.22
C ARG A 85 -54.02 57.41 16.17
N ALA A 86 -53.55 58.15 15.18
CA ALA A 86 -52.13 58.52 15.12
C ALA A 86 -52.01 59.78 14.27
N PRO A 87 -50.97 60.59 14.50
CA PRO A 87 -50.72 61.74 13.61
C PRO A 87 -50.16 61.35 12.26
N LEU A 88 -49.69 60.11 12.09
CA LEU A 88 -49.06 59.69 10.85
C LEU A 88 -49.40 58.23 10.58
N ILE A 89 -49.72 57.93 9.33
CA ILE A 89 -49.91 56.56 8.85
C ILE A 89 -49.14 56.41 7.55
N ILE A 90 -48.44 55.28 7.42
CA ILE A 90 -47.79 54.91 6.17
C ILE A 90 -48.41 53.60 5.72
N THR A 91 -49.13 53.65 4.61
CA THR A 91 -49.69 52.45 4.01
C THR A 91 -48.66 51.86 3.05
N VAL A 92 -48.43 50.56 3.16
CA VAL A 92 -47.44 49.88 2.32
C VAL A 92 -48.18 48.98 1.34
N VAL A 93 -47.94 49.19 0.05
CA VAL A 93 -48.49 48.36 -1.02
C VAL A 93 -47.36 47.53 -1.61
N ALA A 94 -47.56 46.21 -1.66
CA ALA A 94 -46.65 45.34 -2.41
C ALA A 94 -46.92 45.53 -3.89
N LYS A 95 -45.98 46.14 -4.60
CA LYS A 95 -46.13 46.43 -6.03
C LYS A 95 -45.46 45.29 -6.78
N CYS A 96 -46.25 44.28 -7.15
CA CYS A 96 -45.72 42.99 -7.52
C CYS A 96 -45.62 42.81 -9.04
N GLU A 97 -44.58 42.10 -9.46
CA GLU A 97 -44.40 41.72 -10.86
C GLU A 97 -44.89 40.28 -11.04
N GLU A 98 -45.90 40.11 -11.88
CA GLU A 98 -46.45 38.78 -12.11
C GLU A 98 -45.64 38.03 -13.17
N ASN A 99 -45.65 36.70 -13.07
CA ASN A 99 -44.96 35.82 -14.01
C ASN A 99 -43.49 36.18 -14.12
N HIS A 100 -42.90 36.56 -12.99
CA HIS A 100 -41.48 36.82 -12.84
C HIS A 100 -40.79 35.58 -12.30
N LYS A 101 -39.48 35.52 -12.51
CA LYS A 101 -38.69 34.45 -11.88
C LYS A 101 -38.85 34.47 -10.36
N VAL A 102 -39.03 35.66 -9.78
CA VAL A 102 -39.31 35.81 -8.36
C VAL A 102 -40.81 35.65 -8.13
N PRO A 103 -41.23 34.62 -7.40
CA PRO A 103 -42.66 34.46 -7.10
C PRO A 103 -43.21 35.66 -6.37
N VAL A 104 -44.50 35.92 -6.59
CA VAL A 104 -45.17 37.06 -5.96
C VAL A 104 -45.04 37.03 -4.44
N TRP A 105 -45.05 35.84 -3.84
CA TRP A 105 -44.99 35.78 -2.38
C TRP A 105 -43.68 36.33 -1.84
N GLU A 106 -42.58 36.17 -2.59
CA GLU A 106 -41.31 36.74 -2.14
C GLU A 106 -41.33 38.26 -2.23
N GLN A 107 -42.03 38.82 -3.22
CA GLN A 107 -42.14 40.26 -3.34
C GLN A 107 -43.06 40.83 -2.25
N GLU A 108 -44.18 40.15 -1.98
CA GLU A 108 -45.04 40.55 -0.87
C GLU A 108 -44.29 40.47 0.45
N MET A 109 -43.43 39.46 0.61
CA MET A 109 -42.64 39.33 1.83
C MET A 109 -41.72 40.54 2.01
N SER A 110 -41.16 41.04 0.91
CA SER A 110 -40.28 42.20 0.98
C SER A 110 -41.03 43.44 1.44
N ALA A 111 -42.27 43.63 0.94
CA ALA A 111 -43.07 44.77 1.36
C ALA A 111 -43.49 44.67 2.83
N GLY A 112 -43.76 43.46 3.31
CA GLY A 112 -44.06 43.30 4.73
C GLY A 112 -42.88 43.62 5.62
N CYS A 113 -41.69 43.16 5.21
CA CYS A 113 -40.48 43.54 5.94
C CYS A 113 -40.30 45.05 5.99
N ALA A 114 -40.75 45.75 4.94
CA ALA A 114 -40.63 47.21 4.91
C ALA A 114 -41.46 47.85 6.01
N VAL A 115 -42.63 47.29 6.32
CA VAL A 115 -43.43 47.81 7.42
C VAL A 115 -42.65 47.74 8.72
N MET A 116 -42.14 46.54 9.05
CA MET A 116 -41.43 46.38 10.32
C MET A 116 -40.18 47.25 10.37
N ALA A 117 -39.42 47.30 9.27
CA ALA A 117 -38.21 48.11 9.25
C ALA A 117 -38.52 49.57 9.51
N MET A 118 -39.61 50.07 8.92
CA MET A 118 -40.02 51.44 9.17
C MET A 118 -40.46 51.64 10.62
N GLN A 119 -41.13 50.64 11.19
CA GLN A 119 -41.53 50.73 12.59
C GLN A 119 -40.32 50.76 13.51
N MET A 120 -39.29 49.98 13.19
CA MET A 120 -38.06 50.01 13.98
C MET A 120 -37.32 51.34 13.82
N ALA A 121 -37.34 51.91 12.62
CA ALA A 121 -36.73 53.22 12.42
C ALA A 121 -37.48 54.30 13.21
N ALA A 122 -38.79 54.14 13.39
CA ALA A 122 -39.53 55.04 14.26
C ALA A 122 -39.06 54.92 15.70
N ILE A 123 -38.92 53.68 16.19
CA ILE A 123 -38.47 53.45 17.55
C ILE A 123 -37.06 54.01 17.75
N ALA A 124 -36.18 53.80 16.77
CA ALA A 124 -34.79 54.24 16.92
C ALA A 124 -34.69 55.74 17.09
N GLN A 125 -35.66 56.49 16.57
CA GLN A 125 -35.63 57.94 16.62
C GLN A 125 -36.53 58.51 17.69
N GLY A 126 -37.02 57.69 18.60
CA GLY A 126 -37.82 58.15 19.71
C GLY A 126 -39.31 58.18 19.48
N PHE A 127 -39.79 57.58 18.40
CA PHE A 127 -41.21 57.42 18.13
C PHE A 127 -41.58 55.95 18.32
N ASN A 128 -42.75 55.57 17.86
CA ASN A 128 -43.17 54.17 17.84
C ASN A 128 -44.42 54.07 16.96
N GLY A 129 -44.99 52.88 16.89
CA GLY A 129 -46.18 52.70 16.09
C GLY A 129 -46.66 51.26 16.14
N ILE A 130 -47.69 50.99 15.35
CA ILE A 130 -48.29 49.67 15.31
C ILE A 130 -48.67 49.32 13.88
N TRP A 131 -48.27 48.13 13.45
CA TRP A 131 -48.65 47.56 12.17
C TRP A 131 -50.09 47.04 12.27
N ARG A 132 -50.99 47.60 11.46
CA ARG A 132 -52.39 47.23 11.47
C ARG A 132 -52.83 46.77 10.08
N SER A 133 -53.92 46.02 10.04
CA SER A 133 -54.46 45.55 8.77
C SER A 133 -55.98 45.58 8.81
N GLY A 134 -56.61 44.49 9.24
CA GLY A 134 -58.05 44.40 9.24
C GLY A 134 -58.59 44.06 7.86
N ALA A 135 -59.91 43.85 7.82
CA ALA A 135 -60.55 43.41 6.59
C ALA A 135 -60.48 44.46 5.48
N LEU A 136 -60.31 45.73 5.82
CA LEU A 136 -60.38 46.78 4.82
C LEU A 136 -59.16 46.83 3.91
N THR A 137 -58.09 46.07 4.20
CA THR A 137 -56.99 45.97 3.25
C THR A 137 -57.43 45.26 1.97
N GLU A 138 -58.49 44.46 2.04
CA GLU A 138 -59.03 43.74 0.89
C GLU A 138 -60.19 44.46 0.23
N SER A 139 -60.59 45.61 0.76
CA SER A 139 -61.72 46.35 0.21
C SER A 139 -61.38 46.87 -1.18
N ALA A 140 -62.30 46.70 -2.12
CA ALA A 140 -62.06 47.18 -3.48
C ALA A 140 -61.91 48.69 -3.51
N ILE A 141 -62.70 49.40 -2.71
CA ILE A 141 -62.60 50.85 -2.66
C ILE A 141 -61.26 51.29 -2.09
N VAL A 142 -60.81 50.64 -1.02
CA VAL A 142 -59.54 51.00 -0.40
C VAL A 142 -58.38 50.67 -1.32
N ARG A 143 -58.41 49.50 -1.95
CA ARG A 143 -57.33 49.13 -2.86
C ARG A 143 -57.21 50.12 -4.02
N GLU A 144 -58.34 50.55 -4.58
CA GLU A 144 -58.27 51.48 -5.69
C GLU A 144 -57.69 52.82 -5.26
N ALA A 145 -58.05 53.29 -4.07
CA ALA A 145 -57.47 54.54 -3.57
C ALA A 145 -55.96 54.46 -3.48
N PHE A 146 -55.41 53.28 -3.17
CA PHE A 146 -53.98 53.06 -3.14
C PHE A 146 -53.45 52.47 -4.44
N GLU A 147 -54.20 52.61 -5.53
CA GLU A 147 -53.72 52.34 -6.88
C GLU A 147 -53.27 50.88 -7.04
N CYS A 148 -53.98 49.97 -6.39
CA CYS A 148 -53.63 48.56 -6.44
C CYS A 148 -54.10 47.95 -7.75
N ARG A 149 -53.17 47.43 -8.53
CA ARG A 149 -53.49 46.56 -9.65
C ARG A 149 -53.91 45.20 -9.09
N PRO A 150 -54.44 44.30 -9.94
CA PRO A 150 -54.83 42.97 -9.42
C PRO A 150 -53.71 42.23 -8.71
N GLN A 151 -52.47 42.37 -9.18
CA GLN A 151 -51.35 41.68 -8.56
C GLN A 151 -50.77 42.43 -7.36
N ASP A 152 -51.26 43.62 -7.05
CA ASP A 152 -50.79 44.38 -5.92
C ASP A 152 -51.59 44.04 -4.66
N LYS A 153 -51.03 44.40 -3.51
CA LYS A 153 -51.63 44.01 -2.23
C LYS A 153 -51.26 45.02 -1.15
N ILE A 154 -52.25 45.47 -0.40
CA ILE A 154 -51.99 46.29 0.79
C ILE A 154 -51.54 45.35 1.90
N VAL A 155 -50.29 45.49 2.34
CA VAL A 155 -49.75 44.60 3.37
C VAL A 155 -49.78 45.22 4.75
N GLY A 156 -50.03 46.53 4.86
CA GLY A 156 -50.10 47.14 6.18
C GLY A 156 -50.51 48.60 6.20
N PHE A 157 -51.22 48.97 7.26
CA PHE A 157 -51.43 50.36 7.65
C PHE A 157 -50.55 50.59 8.89
N LEU A 158 -49.46 51.32 8.72
CA LEU A 158 -48.49 51.53 9.80
C LEU A 158 -48.78 52.87 10.47
N TYR A 159 -49.42 52.82 11.63
CA TYR A 159 -49.68 54.02 12.41
C TYR A 159 -48.42 54.42 13.16
N LEU A 160 -48.09 55.72 13.14
CA LEU A 160 -46.86 56.19 13.75
C LEU A 160 -47.10 57.45 14.56
N GLY A 161 -46.30 57.64 15.60
CA GLY A 161 -46.40 58.84 16.39
C GLY A 161 -45.52 58.75 17.63
N THR A 162 -45.74 59.69 18.54
CA THR A 162 -45.04 59.71 19.82
C THR A 162 -45.82 58.87 20.83
N PRO A 163 -45.23 57.80 21.36
CA PRO A 163 -45.96 56.97 22.33
C PRO A 163 -46.20 57.71 23.64
N GLN A 164 -47.34 57.43 24.25
CA GLN A 164 -47.72 58.05 25.52
C GLN A 164 -47.46 57.14 26.71
N LEU A 165 -47.85 55.86 26.62
CA LEU A 165 -47.58 54.87 27.65
C LEU A 165 -47.97 55.32 29.06
N PRO A 174 -37.47 37.05 26.96
CA PRO A 174 -37.74 36.24 25.76
C PRO A 174 -37.06 34.86 25.80
N ASP A 175 -37.86 33.82 25.61
CA ASP A 175 -37.38 32.44 25.65
C ASP A 175 -37.74 31.77 24.33
N PRO A 176 -36.77 31.54 23.43
CA PRO A 176 -37.08 30.92 22.13
C PRO A 176 -37.13 29.40 22.15
N THR A 177 -37.10 28.77 23.32
CA THR A 177 -37.08 27.32 23.39
C THR A 177 -38.25 26.65 22.68
N PRO A 178 -39.52 27.07 22.86
CA PRO A 178 -40.62 26.33 22.23
C PRO A 178 -40.63 26.37 20.71
N PHE A 179 -39.89 27.29 20.08
CA PHE A 179 -39.95 27.46 18.63
C PHE A 179 -38.70 26.98 17.90
N VAL A 180 -37.62 26.71 18.61
CA VAL A 180 -36.35 26.35 17.99
C VAL A 180 -36.26 24.84 17.88
N ARG A 181 -35.85 24.36 16.70
CA ARG A 181 -35.58 22.95 16.47
C ARG A 181 -34.20 22.81 15.85
N TYR A 182 -33.56 21.66 16.10
CA TYR A 182 -32.23 21.39 15.59
C TYR A 182 -32.34 20.29 14.54
N PHE A 183 -32.07 20.64 13.28
CA PHE A 183 -32.18 19.71 12.17
C PHE A 183 -31.15 18.59 12.29
N MET B 1 -23.64 47.99 17.08
CA MET B 1 -23.72 49.18 16.24
C MET B 1 -24.98 49.97 16.53
N ASP B 2 -25.09 51.13 15.88
CA ASP B 2 -26.25 51.99 16.08
C ASP B 2 -27.46 51.41 15.37
N ALA B 3 -28.63 51.54 16.00
CA ALA B 3 -29.85 50.96 15.44
C ALA B 3 -30.24 51.65 14.13
N LEU B 4 -30.24 52.98 14.12
CA LEU B 4 -30.60 53.70 12.91
C LEU B 4 -29.58 53.48 11.79
N GLU B 5 -28.30 53.33 12.14
CA GLU B 5 -27.28 53.08 11.12
C GLU B 5 -27.50 51.73 10.47
N LEU B 6 -27.90 50.71 11.24
CA LEU B 6 -28.17 49.40 10.65
C LEU B 6 -29.43 49.43 9.79
N LEU B 7 -30.48 50.10 10.25
CA LEU B 7 -31.73 50.11 9.51
C LEU B 7 -31.60 50.85 8.17
N VAL B 8 -30.76 51.88 8.12
CA VAL B 8 -30.61 52.65 6.89
C VAL B 8 -29.58 52.02 5.94
N ASN B 9 -28.60 51.29 6.47
CA ASN B 9 -27.50 50.77 5.66
C ASN B 9 -27.38 49.25 5.71
N ARG B 10 -28.47 48.54 6.02
CA ARG B 10 -28.42 47.09 6.07
C ARG B 10 -28.03 46.51 4.71
N ARG B 11 -27.01 45.66 4.71
CA ARG B 11 -26.60 44.93 3.52
C ARG B 11 -26.40 43.46 3.86
N SER B 12 -26.71 42.60 2.89
CA SER B 12 -26.50 41.17 3.06
C SER B 12 -25.10 40.78 2.61
N ALA B 13 -24.69 39.57 2.97
CA ALA B 13 -23.41 39.02 2.55
C ALA B 13 -23.63 37.56 2.18
N SER B 14 -23.23 37.19 0.96
CA SER B 14 -23.41 35.83 0.48
C SER B 14 -22.18 34.94 0.68
N ARG B 15 -20.99 35.53 0.79
CA ARG B 15 -19.77 34.76 1.02
C ARG B 15 -19.52 34.71 2.53
N LEU B 16 -19.75 33.56 3.12
CA LEU B 16 -19.73 33.40 4.57
C LEU B 16 -18.73 32.31 4.95
N ALA B 17 -18.06 32.50 6.08
CA ALA B 17 -17.06 31.55 6.57
C ALA B 17 -17.13 31.49 8.09
N GLU B 18 -16.33 30.60 8.67
CA GLU B 18 -16.24 30.51 10.12
C GLU B 18 -15.61 31.79 10.68
N PRO B 19 -16.00 32.20 11.90
CA PRO B 19 -16.98 31.52 12.76
C PRO B 19 -18.43 31.91 12.48
N ALA B 20 -19.33 30.96 12.71
CA ALA B 20 -20.75 31.25 12.77
C ALA B 20 -21.10 31.84 14.12
N PRO B 21 -22.26 32.47 14.26
CA PRO B 21 -22.74 32.84 15.59
C PRO B 21 -23.11 31.60 16.38
N VAL B 22 -22.59 31.50 17.60
CA VAL B 22 -22.86 30.37 18.48
C VAL B 22 -23.19 30.91 19.87
N GLY B 23 -23.73 30.03 20.71
CA GLY B 23 -23.96 30.38 22.10
C GLY B 23 -24.96 31.52 22.23
N GLU B 24 -24.60 32.51 23.05
CA GLU B 24 -25.50 33.64 23.26
C GLU B 24 -25.64 34.51 22.02
N GLN B 25 -24.66 34.49 21.12
CA GLN B 25 -24.82 35.15 19.83
C GLN B 25 -25.97 34.53 19.05
N LEU B 26 -25.98 33.19 18.96
CA LEU B 26 -27.09 32.50 18.31
C LEU B 26 -28.39 32.70 19.06
N GLN B 27 -28.34 32.65 20.40
CA GLN B 27 -29.54 32.87 21.19
C GLN B 27 -30.13 34.26 20.95
N ASN B 28 -29.27 35.28 20.81
CA ASN B 28 -29.77 36.62 20.54
C ASN B 28 -30.44 36.70 19.17
N ILE B 29 -29.88 36.00 18.18
CA ILE B 29 -30.51 35.96 16.86
C ILE B 29 -31.90 35.35 16.95
N LEU B 30 -32.02 34.23 17.67
CA LEU B 30 -33.32 33.59 17.80
C LEU B 30 -34.29 34.41 18.62
N ARG B 31 -33.79 35.15 19.61
CA ARG B 31 -34.65 36.07 20.37
C ARG B 31 -35.19 37.17 19.46
N ALA B 32 -34.35 37.71 18.58
CA ALA B 32 -34.82 38.73 17.65
C ALA B 32 -35.90 38.15 16.72
N GLY B 33 -35.77 36.87 16.36
CA GLY B 33 -36.74 36.27 15.48
C GLY B 33 -38.13 36.18 16.10
N MET B 34 -38.21 35.85 17.39
CA MET B 34 -39.49 35.69 18.06
C MET B 34 -40.08 37.00 18.56
N ARG B 35 -39.45 38.14 18.27
N ARG B 35 -39.44 38.13 18.27
CA ARG B 35 -39.94 39.44 18.72
CA ARG B 35 -39.90 39.44 18.70
C ARG B 35 -40.61 40.23 17.60
C ARG B 35 -40.65 40.21 17.62
N VAL B 36 -40.82 39.61 16.44
CA VAL B 36 -41.43 40.31 15.31
C VAL B 36 -42.91 40.60 15.56
N PRO B 37 -43.50 41.56 14.84
CA PRO B 37 -44.95 41.77 14.94
C PRO B 37 -45.71 40.50 14.63
N ASP B 38 -46.83 40.33 15.33
CA ASP B 38 -47.55 39.05 15.34
C ASP B 38 -49.00 39.35 15.68
N HIS B 39 -49.88 39.33 14.66
CA HIS B 39 -51.29 39.66 14.86
C HIS B 39 -51.95 38.60 15.73
N LYS B 40 -52.46 39.02 16.89
CA LYS B 40 -53.12 38.18 17.89
C LYS B 40 -52.16 37.21 18.58
N SER B 41 -50.85 37.47 18.52
CA SER B 41 -49.85 36.73 19.29
C SER B 41 -49.95 35.22 19.04
N LEU B 42 -50.01 34.85 17.76
CA LEU B 42 -50.09 33.44 17.39
C LEU B 42 -48.73 32.75 17.40
N GLN B 43 -47.64 33.51 17.40
CA GLN B 43 -46.29 32.98 17.29
C GLN B 43 -46.20 31.94 16.16
N PRO B 44 -46.48 32.34 14.91
CA PRO B 44 -46.67 31.37 13.83
C PRO B 44 -45.35 31.04 13.11
N TRP B 45 -44.35 30.58 13.87
CA TRP B 45 -43.09 30.24 13.24
C TRP B 45 -42.39 29.11 13.99
N ARG B 46 -41.54 28.41 13.25
CA ARG B 46 -40.56 27.48 13.81
C ARG B 46 -39.20 27.79 13.17
N PHE B 47 -38.16 27.79 14.00
CA PHE B 47 -36.80 28.12 13.56
C PHE B 47 -35.95 26.86 13.64
N PHE B 48 -35.51 26.36 12.49
CA PHE B 48 -34.70 25.14 12.42
C PHE B 48 -33.23 25.53 12.31
N VAL B 49 -32.47 25.25 13.35
CA VAL B 49 -31.04 25.54 13.35
C VAL B 49 -30.31 24.39 12.66
N ILE B 50 -29.50 24.73 11.66
CA ILE B 50 -28.81 23.76 10.82
C ILE B 50 -27.31 24.02 10.92
N GLU B 51 -26.59 23.09 11.54
CA GLU B 51 -25.14 23.22 11.71
C GLU B 51 -24.54 21.85 11.98
N GLY B 52 -23.27 21.70 11.65
CA GLY B 52 -22.59 20.43 11.89
C GLY B 52 -23.17 19.32 11.04
N GLU B 53 -23.48 18.19 11.69
CA GLU B 53 -24.09 17.08 10.98
C GLU B 53 -25.47 17.42 10.45
N GLY B 54 -26.15 18.40 11.04
CA GLY B 54 -27.41 18.86 10.48
C GLY B 54 -27.23 19.48 9.10
N ARG B 55 -26.07 20.09 8.85
CA ARG B 55 -25.78 20.62 7.51
C ARG B 55 -25.76 19.51 6.47
N ASP B 56 -25.12 18.39 6.79
CA ASP B 56 -25.10 17.27 5.85
C ASP B 56 -26.49 16.65 5.72
N ARG B 57 -27.25 16.57 6.80
CA ARG B 57 -28.62 16.08 6.70
C ARG B 57 -29.47 17.02 5.87
N PHE B 58 -29.28 18.33 6.03
CA PHE B 58 -29.93 19.30 5.18
C PHE B 58 -29.47 19.15 3.73
N SER B 59 -28.18 18.87 3.53
CA SER B 59 -27.67 18.65 2.18
C SER B 59 -28.33 17.46 1.52
N ALA B 60 -28.50 16.35 2.25
CA ALA B 60 -29.12 15.18 1.68
C ALA B 60 -30.60 15.41 1.37
N VAL B 61 -31.27 16.27 2.14
CA VAL B 61 -32.67 16.58 1.85
C VAL B 61 -32.78 17.42 0.59
N LEU B 62 -31.94 18.45 0.46
CA LEU B 62 -31.98 19.31 -0.72
C LEU B 62 -31.60 18.53 -1.97
N GLU B 63 -30.64 17.62 -1.86
CA GLU B 63 -30.28 16.76 -2.98
C GLU B 63 -31.45 15.87 -3.38
N GLN B 64 -32.12 15.27 -2.39
CA GLN B 64 -33.27 14.42 -2.69
C GLN B 64 -34.43 15.23 -3.25
N GLY B 65 -34.54 16.50 -2.87
CA GLY B 65 -35.58 17.35 -3.44
C GLY B 65 -35.29 17.73 -4.88
N ALA B 66 -34.01 18.02 -5.18
CA ALA B 66 -33.65 18.39 -6.54
C ALA B 66 -33.78 17.21 -7.50
N VAL B 67 -33.48 16.00 -7.04
CA VAL B 67 -33.69 14.81 -7.86
C VAL B 67 -35.17 14.62 -8.15
N ALA B 68 -36.01 14.69 -7.12
CA ALA B 68 -37.45 14.53 -7.32
C ALA B 68 -38.02 15.66 -8.16
N ALA B 69 -37.41 16.84 -8.12
CA ALA B 69 -37.84 17.95 -8.96
C ALA B 69 -37.38 17.81 -10.40
N GLY B 70 -36.61 16.77 -10.72
CA GLY B 70 -36.18 16.56 -12.09
C GLY B 70 -34.99 17.41 -12.52
N GLY B 71 -34.07 17.71 -11.60
CA GLY B 71 -32.89 18.46 -11.96
C GLY B 71 -31.88 17.63 -12.73
N ASP B 72 -31.01 18.33 -13.45
CA ASP B 72 -29.92 17.69 -14.19
C ASP B 72 -28.73 17.48 -13.25
N GLU B 73 -27.58 17.12 -13.82
CA GLU B 73 -26.39 16.90 -13.01
C GLU B 73 -25.91 18.19 -12.36
N LYS B 74 -26.04 19.32 -13.07
CA LYS B 74 -25.64 20.59 -12.50
C LYS B 74 -26.50 20.96 -11.31
N ALA B 75 -27.82 20.71 -11.40
CA ALA B 75 -28.72 21.16 -10.36
C ALA B 75 -28.64 20.31 -9.11
N ILE B 76 -28.38 19.00 -9.27
CA ILE B 76 -28.35 18.12 -8.11
C ILE B 76 -27.11 18.40 -7.25
N GLU B 77 -25.96 18.61 -7.89
CA GLU B 77 -24.74 18.88 -7.13
C GLU B 77 -24.79 20.27 -6.50
N LYS B 78 -25.32 21.26 -7.22
CA LYS B 78 -25.57 22.56 -6.62
C LYS B 78 -26.45 22.43 -5.38
N ALA B 79 -27.53 21.66 -5.51
CA ALA B 79 -28.43 21.46 -4.36
C ALA B 79 -27.71 20.76 -3.22
N ARG B 80 -26.93 19.72 -3.54
CA ARG B 80 -26.18 19.02 -2.52
C ARG B 80 -25.18 19.95 -1.83
N ASN B 81 -24.53 20.81 -2.62
CA ASN B 81 -23.49 21.72 -2.12
C ASN B 81 -24.04 23.02 -1.56
N ALA B 82 -25.32 23.31 -1.76
CA ALA B 82 -25.93 24.56 -1.29
C ALA B 82 -25.72 24.82 0.19
N PRO B 83 -25.98 23.88 1.11
CA PRO B 83 -25.82 24.20 2.54
C PRO B 83 -24.39 24.53 2.94
N PHE B 84 -23.39 24.17 2.14
CA PHE B 84 -22.01 24.38 2.53
C PHE B 84 -21.50 25.77 2.18
N ARG B 85 -22.40 26.69 1.83
CA ARG B 85 -22.05 28.08 1.58
C ARG B 85 -22.05 28.92 2.86
N ALA B 86 -22.35 28.32 4.01
CA ALA B 86 -22.32 29.04 5.27
C ALA B 86 -22.06 28.04 6.39
N PRO B 87 -21.44 28.48 7.49
CA PRO B 87 -21.31 27.60 8.66
C PRO B 87 -22.62 27.39 9.40
N LEU B 88 -23.66 28.17 9.12
CA LEU B 88 -24.93 28.07 9.82
C LEU B 88 -26.05 28.44 8.87
N ILE B 89 -27.16 27.71 8.97
CA ILE B 89 -28.40 28.04 8.27
C ILE B 89 -29.54 27.96 9.25
N ILE B 90 -30.44 28.95 9.22
CA ILE B 90 -31.69 28.90 9.96
C ILE B 90 -32.84 28.88 8.96
N THR B 91 -33.61 27.80 8.97
CA THR B 91 -34.79 27.67 8.13
C THR B 91 -36.02 28.10 8.93
N VAL B 92 -36.78 29.05 8.38
CA VAL B 92 -37.96 29.58 9.05
C VAL B 92 -39.19 29.00 8.36
N VAL B 93 -40.03 28.33 9.13
CA VAL B 93 -41.31 27.80 8.67
C VAL B 93 -42.41 28.67 9.25
N ALA B 94 -43.29 29.16 8.39
CA ALA B 94 -44.52 29.79 8.86
C ALA B 94 -45.46 28.69 9.35
N LYS B 95 -45.70 28.65 10.66
CA LYS B 95 -46.52 27.61 11.29
C LYS B 95 -47.90 28.23 11.51
N CYS B 96 -48.78 28.05 10.52
CA CYS B 96 -49.99 28.86 10.40
C CYS B 96 -51.22 28.17 10.98
N GLU B 97 -52.13 29.00 11.49
CA GLU B 97 -53.45 28.55 11.91
C GLU B 97 -54.43 28.78 10.78
N GLU B 98 -55.06 27.71 10.31
CA GLU B 98 -56.01 27.81 9.21
C GLU B 98 -57.39 28.20 9.71
N ASN B 99 -58.11 28.97 8.88
CA ASN B 99 -59.47 29.42 9.19
C ASN B 99 -59.52 30.15 10.53
N HIS B 100 -58.54 31.03 10.72
CA HIS B 100 -58.43 31.88 11.90
C HIS B 100 -58.92 33.28 11.57
N LYS B 101 -59.25 34.05 12.61
CA LYS B 101 -59.54 35.47 12.43
C LYS B 101 -58.39 36.17 11.72
N VAL B 102 -57.15 35.77 12.01
CA VAL B 102 -55.97 36.27 11.31
C VAL B 102 -55.79 35.48 10.02
N PRO B 103 -55.82 36.13 8.86
CA PRO B 103 -55.56 35.42 7.60
C PRO B 103 -54.18 34.79 7.60
N VAL B 104 -54.02 33.75 6.77
CA VAL B 104 -52.75 33.05 6.70
C VAL B 104 -51.63 33.99 6.25
N TRP B 105 -51.94 34.92 5.34
CA TRP B 105 -50.87 35.77 4.80
C TRP B 105 -50.25 36.65 5.88
N GLU B 106 -51.05 37.09 6.86
CA GLU B 106 -50.50 37.90 7.94
C GLU B 106 -49.56 37.06 8.81
N GLN B 107 -49.90 35.79 9.04
CA GLN B 107 -49.01 34.92 9.80
C GLN B 107 -47.73 34.63 9.01
N GLU B 108 -47.84 34.47 7.69
CA GLU B 108 -46.67 34.31 6.85
C GLU B 108 -45.78 35.55 6.88
N MET B 109 -46.39 36.74 6.86
CA MET B 109 -45.63 37.98 6.98
C MET B 109 -44.81 37.99 8.27
N SER B 110 -45.41 37.55 9.37
CA SER B 110 -44.68 37.51 10.64
C SER B 110 -43.46 36.61 10.55
N ALA B 111 -43.60 35.44 9.91
CA ALA B 111 -42.45 34.53 9.77
C ALA B 111 -41.38 35.12 8.87
N GLY B 112 -41.79 35.82 7.80
CA GLY B 112 -40.82 36.46 6.94
C GLY B 112 -40.06 37.58 7.64
N CYS B 113 -40.76 38.39 8.43
CA CYS B 113 -40.10 39.41 9.22
C CYS B 113 -39.10 38.80 10.19
N ALA B 114 -39.38 37.60 10.69
CA ALA B 114 -38.43 36.92 11.57
C ALA B 114 -37.12 36.63 10.86
N VAL B 115 -37.16 36.34 9.56
CA VAL B 115 -35.93 36.09 8.82
C VAL B 115 -35.08 37.35 8.79
N MET B 116 -35.68 38.48 8.41
CA MET B 116 -34.92 39.73 8.37
C MET B 116 -34.45 40.14 9.76
N ALA B 117 -35.31 39.96 10.77
CA ALA B 117 -34.93 40.29 12.14
C ALA B 117 -33.70 39.49 12.58
N MET B 118 -33.64 38.21 12.21
CA MET B 118 -32.51 37.39 12.60
C MET B 118 -31.25 37.80 11.85
N GLN B 119 -31.37 38.10 10.54
CA GLN B 119 -30.21 38.55 9.79
C GLN B 119 -29.68 39.86 10.33
N MET B 120 -30.58 40.77 10.71
CA MET B 120 -30.15 42.02 11.35
C MET B 120 -29.45 41.76 12.67
N ALA B 121 -29.98 40.82 13.48
CA ALA B 121 -29.32 40.51 14.74
C ALA B 121 -27.95 39.90 14.52
N ALA B 122 -27.78 39.15 13.43
CA ALA B 122 -26.46 38.65 13.06
C ALA B 122 -25.51 39.78 12.73
N ILE B 123 -25.96 40.73 11.90
CA ILE B 123 -25.12 41.87 11.53
C ILE B 123 -24.76 42.68 12.78
N ALA B 124 -25.71 42.87 13.69
CA ALA B 124 -25.47 43.72 14.86
C ALA B 124 -24.37 43.16 15.74
N GLN B 125 -24.16 41.84 15.72
CA GLN B 125 -23.14 41.20 16.53
C GLN B 125 -21.86 40.91 15.74
N GLY B 126 -21.70 41.52 14.56
CA GLY B 126 -20.49 41.36 13.79
C GLY B 126 -20.50 40.22 12.79
N PHE B 127 -21.65 39.63 12.50
CA PHE B 127 -21.79 38.58 11.51
C PHE B 127 -22.54 39.16 10.30
N ASN B 128 -23.02 38.27 9.43
CA ASN B 128 -23.92 38.66 8.35
C ASN B 128 -24.46 37.39 7.71
N GLY B 129 -25.19 37.54 6.61
CA GLY B 129 -25.75 36.41 5.92
C GLY B 129 -26.71 36.87 4.83
N ILE B 130 -27.42 35.90 4.26
CA ILE B 130 -28.31 36.16 3.14
C ILE B 130 -29.58 35.32 3.28
N TRP B 131 -30.72 35.95 3.03
CA TRP B 131 -32.02 35.30 2.97
C TRP B 131 -32.19 34.64 1.60
N ARG B 132 -32.26 33.32 1.56
CA ARG B 132 -32.40 32.59 0.32
C ARG B 132 -33.68 31.76 0.32
N SER B 133 -34.18 31.48 -0.88
CA SER B 133 -35.35 30.63 -1.02
C SER B 133 -35.14 29.66 -2.18
N GLY B 134 -35.56 30.06 -3.39
CA GLY B 134 -35.46 29.19 -4.54
C GLY B 134 -36.62 28.22 -4.62
N ALA B 135 -36.56 27.36 -5.63
CA ALA B 135 -37.65 26.45 -5.90
C ALA B 135 -37.77 25.34 -4.86
N LEU B 136 -36.69 25.03 -4.13
CA LEU B 136 -36.73 23.92 -3.20
C LEU B 136 -37.55 24.20 -1.95
N THR B 137 -37.93 25.46 -1.70
CA THR B 137 -38.84 25.74 -0.59
C THR B 137 -40.21 25.11 -0.82
N GLU B 138 -40.56 24.82 -2.07
CA GLU B 138 -41.84 24.20 -2.41
C GLU B 138 -41.74 22.70 -2.59
N SER B 139 -40.53 22.13 -2.53
CA SER B 139 -40.36 20.69 -2.70
C SER B 139 -41.08 19.93 -1.59
N ALA B 140 -41.86 18.91 -1.99
CA ALA B 140 -42.60 18.13 -1.00
C ALA B 140 -41.66 17.38 -0.06
N ILE B 141 -40.50 16.98 -0.56
CA ILE B 141 -39.54 16.27 0.29
C ILE B 141 -38.92 17.22 1.30
N VAL B 142 -38.57 18.43 0.88
CA VAL B 142 -38.00 19.40 1.81
C VAL B 142 -39.02 19.82 2.86
N ARG B 143 -40.28 20.00 2.44
CA ARG B 143 -41.31 20.42 3.38
C ARG B 143 -41.56 19.37 4.45
N GLU B 144 -41.66 18.10 4.06
CA GLU B 144 -41.87 17.06 5.07
C GLU B 144 -40.66 16.94 6.00
N ALA B 145 -39.47 17.28 5.51
CA ALA B 145 -38.29 17.28 6.38
C ALA B 145 -38.41 18.33 7.47
N PHE B 146 -39.05 19.46 7.16
CA PHE B 146 -39.27 20.53 8.13
C PHE B 146 -40.68 20.50 8.71
N GLU B 147 -41.36 19.34 8.62
CA GLU B 147 -42.62 19.10 9.30
C GLU B 147 -43.71 20.08 8.88
N CYS B 148 -43.71 20.43 7.59
CA CYS B 148 -44.70 21.35 7.04
C CYS B 148 -46.03 20.62 6.85
N ARG B 149 -47.05 21.07 7.57
CA ARG B 149 -48.42 20.67 7.28
C ARG B 149 -48.89 21.42 6.03
N PRO B 150 -50.05 21.06 5.48
CA PRO B 150 -50.56 21.80 4.32
C PRO B 150 -50.61 23.32 4.52
N GLN B 151 -50.99 23.78 5.70
CA GLN B 151 -51.11 25.22 5.97
C GLN B 151 -49.77 25.87 6.31
N ASP B 152 -48.68 25.12 6.35
CA ASP B 152 -47.37 25.64 6.69
C ASP B 152 -46.57 25.95 5.43
N LYS B 153 -45.60 26.85 5.58
CA LYS B 153 -44.84 27.35 4.43
C LYS B 153 -43.42 27.65 4.85
N ILE B 154 -42.45 27.22 4.03
CA ILE B 154 -41.05 27.57 4.24
C ILE B 154 -40.84 28.94 3.61
N VAL B 155 -40.57 29.95 4.45
CA VAL B 155 -40.44 31.32 3.95
C VAL B 155 -38.99 31.71 3.70
N GLY B 156 -38.02 30.94 4.19
CA GLY B 156 -36.64 31.30 3.95
C GLY B 156 -35.60 30.32 4.47
N PHE B 157 -34.49 30.23 3.76
CA PHE B 157 -33.28 29.57 4.23
C PHE B 157 -32.28 30.69 4.53
N LEU B 158 -32.11 31.01 5.82
CA LEU B 158 -31.23 32.11 6.23
C LEU B 158 -29.82 31.57 6.44
N TYR B 159 -28.92 31.87 5.50
CA TYR B 159 -27.51 31.55 5.64
C TYR B 159 -26.83 32.59 6.52
N LEU B 160 -25.96 32.13 7.42
CA LEU B 160 -25.40 33.01 8.44
C LEU B 160 -23.94 32.67 8.72
N GLY B 161 -23.20 33.68 9.14
CA GLY B 161 -21.83 33.49 9.60
C GLY B 161 -21.01 34.76 9.44
N THR B 162 -19.69 34.56 9.30
CA THR B 162 -18.75 35.67 9.19
C THR B 162 -18.48 36.00 7.74
N PRO B 163 -18.72 37.23 7.30
CA PRO B 163 -18.48 37.58 5.89
C PRO B 163 -16.99 37.60 5.57
N GLN B 164 -16.70 37.64 4.27
CA GLN B 164 -15.33 37.66 3.79
C GLN B 164 -15.10 38.79 2.80
N PRO B 174 -29.23 56.80 -0.33
CA PRO B 174 -30.54 56.39 0.16
C PRO B 174 -31.64 57.42 -0.08
N ASP B 175 -32.23 57.38 -1.27
CA ASP B 175 -33.28 58.33 -1.65
C ASP B 175 -34.58 57.59 -1.91
N PRO B 176 -35.57 57.70 -1.03
CA PRO B 176 -36.82 56.94 -1.20
C PRO B 176 -37.89 57.63 -2.03
N THR B 177 -37.57 58.78 -2.63
CA THR B 177 -38.56 59.55 -3.39
C THR B 177 -39.28 58.74 -4.47
N PRO B 178 -38.62 57.87 -5.24
CA PRO B 178 -39.37 57.14 -6.28
C PRO B 178 -40.48 56.23 -5.75
N PHE B 179 -40.41 55.83 -4.48
CA PHE B 179 -41.37 54.89 -3.92
C PHE B 179 -42.39 55.54 -2.99
N VAL B 180 -42.26 56.85 -2.73
CA VAL B 180 -43.11 57.53 -1.77
C VAL B 180 -44.21 58.28 -2.52
N ARG B 181 -45.44 58.15 -2.03
CA ARG B 181 -46.56 58.95 -2.51
C ARG B 181 -47.25 59.59 -1.31
N TYR B 182 -47.83 60.76 -1.54
CA TYR B 182 -48.58 61.46 -0.50
C TYR B 182 -50.07 61.30 -0.77
N PHE B 183 -50.76 60.62 0.14
CA PHE B 183 -52.18 60.35 0.00
C PHE B 183 -52.99 61.64 0.13
N MET C 1 -15.09 -10.11 7.86
CA MET C 1 -14.58 -9.96 6.49
C MET C 1 -13.27 -10.71 6.31
N ASP C 2 -13.21 -11.55 5.29
CA ASP C 2 -12.01 -12.34 5.03
C ASP C 2 -10.90 -11.47 4.48
N ALA C 3 -9.67 -11.71 4.95
CA ALA C 3 -8.53 -10.93 4.51
C ALA C 3 -8.27 -11.11 3.02
N LEU C 4 -8.18 -12.36 2.56
CA LEU C 4 -7.83 -12.60 1.16
C LEU C 4 -8.93 -12.10 0.23
N GLU C 5 -10.19 -12.25 0.62
CA GLU C 5 -11.29 -11.78 -0.24
C GLU C 5 -11.28 -10.27 -0.36
N LEU C 6 -10.90 -9.56 0.70
CA LEU C 6 -10.77 -8.10 0.61
C LEU C 6 -9.67 -7.72 -0.36
N LEU C 7 -8.49 -8.33 -0.23
CA LEU C 7 -7.37 -8.01 -1.11
C LEU C 7 -7.69 -8.33 -2.57
N VAL C 8 -8.49 -9.36 -2.82
CA VAL C 8 -8.75 -9.77 -4.19
C VAL C 8 -9.90 -8.96 -4.80
N ASN C 9 -10.82 -8.46 -3.97
CA ASN C 9 -12.01 -7.79 -4.45
C ASN C 9 -12.06 -6.31 -4.11
N ARG C 10 -10.96 -5.74 -3.63
CA ARG C 10 -11.00 -4.36 -3.15
C ARG C 10 -11.51 -3.41 -4.22
N ARG C 11 -12.51 -2.61 -3.87
CA ARG C 11 -13.06 -1.60 -4.76
C ARG C 11 -13.28 -0.31 -3.97
N SER C 12 -13.07 0.81 -4.63
CA SER C 12 -13.30 2.11 -4.01
C SER C 12 -14.75 2.54 -4.21
N ALA C 13 -15.13 3.58 -3.48
CA ALA C 13 -16.46 4.18 -3.61
C ALA C 13 -16.32 5.68 -3.42
N SER C 14 -16.85 6.46 -4.38
CA SER C 14 -16.79 7.91 -4.29
C SER C 14 -18.06 8.53 -3.74
N ARG C 15 -19.20 7.84 -3.84
CA ARG C 15 -20.47 8.30 -3.30
C ARG C 15 -20.46 7.99 -1.81
N LEU C 16 -20.04 8.97 -1.00
CA LEU C 16 -19.84 8.77 0.43
C LEU C 16 -20.74 9.72 1.21
N ALA C 17 -21.24 9.24 2.35
CA ALA C 17 -22.14 10.02 3.18
C ALA C 17 -21.99 9.59 4.63
N GLU C 18 -22.68 10.31 5.52
CA GLU C 18 -22.79 9.90 6.91
C GLU C 18 -23.44 8.53 7.02
N PRO C 19 -23.05 7.71 8.02
CA PRO C 19 -22.04 8.01 9.04
C PRO C 19 -20.59 7.80 8.59
N ALA C 20 -19.68 8.54 9.20
CA ALA C 20 -18.26 8.34 9.07
C ALA C 20 -17.75 7.48 10.22
N PRO C 21 -16.60 6.82 10.06
CA PRO C 21 -16.03 6.07 11.19
C PRO C 21 -15.59 7.02 12.29
N VAL C 22 -15.97 6.70 13.53
CA VAL C 22 -15.60 7.47 14.70
C VAL C 22 -15.04 6.52 15.75
N GLY C 23 -14.43 7.09 16.78
CA GLY C 23 -13.92 6.31 17.89
C GLY C 23 -12.86 5.33 17.45
N GLU C 24 -12.97 4.09 17.95
CA GLU C 24 -11.99 3.07 17.64
C GLU C 24 -12.01 2.67 16.18
N GLN C 25 -13.12 2.89 15.47
CA GLN C 25 -13.14 2.63 14.03
C GLN C 25 -12.17 3.55 13.30
N LEU C 26 -12.21 4.85 13.62
CA LEU C 26 -11.22 5.77 13.07
C LEU C 26 -9.83 5.42 13.57
N GLN C 27 -9.72 5.01 14.83
CA GLN C 27 -8.41 4.65 15.36
C GLN C 27 -7.83 3.43 14.66
N ASN C 28 -8.69 2.44 14.35
CA ASN C 28 -8.21 1.28 13.61
C ASN C 28 -7.76 1.64 12.21
N ILE C 29 -8.43 2.62 11.59
CA ILE C 29 -7.98 3.12 10.29
C ILE C 29 -6.61 3.75 10.40
N LEU C 30 -6.41 4.58 11.44
CA LEU C 30 -5.11 5.21 11.62
C LEU C 30 -4.03 4.21 11.99
N ARG C 31 -4.38 3.16 12.73
CA ARG C 31 -3.40 2.14 13.08
C ARG C 31 -2.94 1.36 11.86
N ALA C 32 -3.87 1.06 10.94
CA ALA C 32 -3.50 0.32 9.74
C ALA C 32 -2.50 1.10 8.90
N GLY C 33 -2.72 2.41 8.74
CA GLY C 33 -1.76 3.23 8.02
C GLY C 33 -0.40 3.27 8.70
N MET C 34 -0.38 3.19 10.03
CA MET C 34 0.85 3.20 10.80
C MET C 34 1.61 1.88 10.76
N ARG C 35 1.03 0.83 10.17
CA ARG C 35 1.61 -0.50 10.17
C ARG C 35 2.22 -0.89 8.82
N VAL C 36 2.30 0.05 7.88
CA VAL C 36 2.76 -0.24 6.53
C VAL C 36 4.28 -0.48 6.55
N PRO C 37 4.82 -1.17 5.54
CA PRO C 37 6.28 -1.33 5.47
C PRO C 37 7.00 0.01 5.51
N ASP C 38 8.16 0.03 6.14
CA ASP C 38 8.87 1.27 6.43
C ASP C 38 10.35 0.92 6.55
N HIS C 39 11.12 1.24 5.50
CA HIS C 39 12.55 0.92 5.48
C HIS C 39 13.27 1.71 6.56
N LYS C 40 13.92 0.99 7.48
CA LYS C 40 14.66 1.53 8.62
C LYS C 40 13.77 2.20 9.66
N SER C 41 12.47 1.89 9.66
CA SER C 41 11.53 2.37 10.68
C SER C 41 11.58 3.89 10.82
N LEU C 42 11.56 4.58 9.68
CA LEU C 42 11.64 6.03 9.70
C LEU C 42 10.31 6.69 10.04
N GLN C 43 9.20 5.96 9.94
CA GLN C 43 7.87 6.50 10.15
C GLN C 43 7.66 7.81 9.39
N PRO C 44 7.83 7.81 8.05
CA PRO C 44 7.88 9.05 7.27
C PRO C 44 6.50 9.52 6.81
N TRP C 45 5.56 9.66 7.75
CA TRP C 45 4.23 10.08 7.38
C TRP C 45 3.59 10.83 8.53
N ARG C 46 2.67 11.73 8.16
CA ARG C 46 1.75 12.38 9.08
C ARG C 46 0.36 12.30 8.47
N PHE C 47 -0.65 12.07 9.30
CA PHE C 47 -2.03 11.93 8.87
C PHE C 47 -2.85 13.06 9.45
N PHE C 48 -3.55 13.80 8.58
CA PHE C 48 -4.39 14.93 8.98
C PHE C 48 -5.85 14.51 8.88
N VAL C 49 -6.49 14.32 10.02
CA VAL C 49 -7.92 14.02 10.07
C VAL C 49 -8.70 15.29 9.80
N ILE C 50 -9.58 15.26 8.81
CA ILE C 50 -10.40 16.40 8.42
C ILE C 50 -11.85 16.01 8.62
N GLU C 51 -12.52 16.66 9.57
CA GLU C 51 -13.90 16.32 9.90
C GLU C 51 -14.57 17.52 10.55
N GLY C 52 -15.88 17.56 10.45
CA GLY C 52 -16.65 18.62 11.08
C GLY C 52 -16.24 19.98 10.53
N GLU C 53 -15.86 20.89 11.43
CA GLU C 53 -15.40 22.21 11.02
C GLU C 53 -14.11 22.15 10.22
N GLY C 54 -13.37 21.04 10.28
CA GLY C 54 -12.17 20.90 9.48
C GLY C 54 -12.46 20.92 7.99
N ARG C 55 -13.64 20.46 7.58
CA ARG C 55 -14.02 20.50 6.18
C ARG C 55 -14.15 21.94 5.68
N ASP C 56 -14.71 22.82 6.50
CA ASP C 56 -14.77 24.24 6.15
C ASP C 56 -13.38 24.82 6.02
N ARG C 57 -12.50 24.53 6.98
N ARG C 57 -12.50 24.52 6.97
CA ARG C 57 -11.12 25.01 6.87
CA ARG C 57 -11.13 25.00 6.89
C ARG C 57 -10.41 24.41 5.67
C ARG C 57 -10.40 24.40 5.70
N PHE C 58 -10.65 23.12 5.41
CA PHE C 58 -10.07 22.49 4.23
C PHE C 58 -10.58 23.14 2.96
N SER C 59 -11.89 23.42 2.91
CA SER C 59 -12.48 24.04 1.73
C SER C 59 -11.85 25.40 1.42
N ALA C 60 -11.61 26.20 2.45
CA ALA C 60 -11.03 27.53 2.23
C ALA C 60 -9.60 27.43 1.71
N VAL C 61 -8.83 26.46 2.20
CA VAL C 61 -7.46 26.30 1.73
C VAL C 61 -7.46 25.87 0.26
N LEU C 62 -8.28 24.87 -0.07
CA LEU C 62 -8.35 24.39 -1.44
C LEU C 62 -8.86 25.46 -2.40
N GLU C 63 -9.87 26.22 -1.97
CA GLU C 63 -10.37 27.31 -2.81
C GLU C 63 -9.29 28.37 -3.05
N GLN C 64 -8.52 28.68 -2.01
CA GLN C 64 -7.44 29.66 -2.16
C GLN C 64 -6.34 29.11 -3.05
N GLY C 65 -6.05 27.81 -2.94
CA GLY C 65 -5.05 27.22 -3.82
C GLY C 65 -5.45 27.24 -5.28
N ALA C 66 -6.75 27.02 -5.55
CA ALA C 66 -7.22 27.07 -6.92
C ALA C 66 -7.19 28.48 -7.49
N VAL C 67 -7.39 29.50 -6.64
CA VAL C 67 -7.29 30.88 -7.10
C VAL C 67 -5.86 31.19 -7.54
N ALA C 68 -4.89 30.91 -6.67
CA ALA C 68 -3.49 31.18 -7.00
C ALA C 68 -2.99 30.30 -8.15
N ALA C 69 -3.63 29.15 -8.38
CA ALA C 69 -3.23 28.31 -9.51
C ALA C 69 -3.69 28.87 -10.85
N GLY C 70 -4.64 29.81 -10.84
CA GLY C 70 -5.16 30.37 -12.07
C GLY C 70 -6.40 29.68 -12.62
N GLY C 71 -7.09 28.90 -11.79
CA GLY C 71 -8.30 28.24 -12.26
C GLY C 71 -9.44 29.22 -12.46
N ASP C 72 -10.34 28.88 -13.38
CA ASP C 72 -11.48 29.72 -13.69
C ASP C 72 -12.52 29.59 -12.57
N GLU C 73 -13.73 30.13 -12.80
CA GLU C 73 -14.75 30.11 -11.76
C GLU C 73 -15.22 28.69 -11.45
N LYS C 74 -15.22 27.81 -12.46
CA LYS C 74 -15.61 26.43 -12.24
C LYS C 74 -14.62 25.72 -11.32
N ALA C 75 -13.32 25.84 -11.61
CA ALA C 75 -12.31 25.14 -10.83
C ALA C 75 -12.23 25.68 -9.40
N ILE C 76 -12.48 26.98 -9.22
CA ILE C 76 -12.43 27.56 -7.88
C ILE C 76 -13.56 27.01 -7.02
N GLU C 77 -14.78 26.99 -7.56
CA GLU C 77 -15.91 26.50 -6.78
C GLU C 77 -15.84 24.99 -6.62
N LYS C 78 -15.36 24.28 -7.65
CA LYS C 78 -15.13 22.85 -7.51
C LYS C 78 -14.16 22.57 -6.37
N ALA C 79 -13.10 23.36 -6.27
CA ALA C 79 -12.18 23.21 -5.15
C ALA C 79 -12.86 23.51 -3.82
N ARG C 80 -13.68 24.57 -3.79
CA ARG C 80 -14.38 24.93 -2.56
C ARG C 80 -15.30 23.80 -2.11
N ASN C 81 -16.05 23.20 -3.05
CA ASN C 81 -16.98 22.14 -2.71
C ASN C 81 -16.33 20.76 -2.61
N ALA C 82 -15.03 20.65 -2.85
CA ALA C 82 -14.37 19.35 -2.84
C ALA C 82 -14.46 18.63 -1.50
N PRO C 83 -14.18 19.25 -0.35
CA PRO C 83 -14.19 18.49 0.91
C PRO C 83 -15.54 17.93 1.30
N PHE C 84 -16.62 18.42 0.72
CA PHE C 84 -17.95 18.03 1.17
C PHE C 84 -18.47 16.79 0.47
N ARG C 85 -17.66 16.16 -0.39
CA ARG C 85 -18.01 14.89 -1.00
C ARG C 85 -17.86 13.71 -0.04
N ALA C 86 -17.45 13.95 1.20
CA ALA C 86 -17.35 12.90 2.20
C ALA C 86 -17.41 13.54 3.58
N PRO C 87 -17.94 12.84 4.59
CA PRO C 87 -17.90 13.38 5.96
C PRO C 87 -16.54 13.31 6.61
N LEU C 88 -15.58 12.62 6.01
CA LEU C 88 -14.24 12.46 6.59
C LEU C 88 -13.21 12.41 5.49
N ILE C 89 -12.13 13.16 5.66
CA ILE C 89 -10.96 13.13 4.78
C ILE C 89 -9.71 12.99 5.64
N ILE C 90 -8.81 12.12 5.22
CA ILE C 90 -7.51 11.98 5.86
C ILE C 90 -6.44 12.31 4.83
N THR C 91 -5.71 13.39 5.07
CA THR C 91 -4.60 13.79 4.21
C THR C 91 -3.32 13.12 4.70
N VAL C 92 -2.60 12.48 3.79
CA VAL C 92 -1.37 11.77 4.13
C VAL C 92 -0.19 12.56 3.56
N VAL C 93 0.72 12.96 4.44
CA VAL C 93 1.93 13.71 4.08
C VAL C 93 3.12 12.79 4.25
N ALA C 94 3.89 12.60 3.17
CA ALA C 94 5.14 11.85 3.25
C ALA C 94 6.19 12.74 3.91
N LYS C 95 6.56 12.40 5.14
CA LYS C 95 7.49 13.20 5.93
C LYS C 95 8.90 12.65 5.69
N CYS C 96 9.51 13.11 4.59
CA CYS C 96 10.73 12.50 4.07
C CYS C 96 11.97 13.07 4.73
N GLU C 97 12.91 12.17 5.05
CA GLU C 97 14.20 12.54 5.61
C GLU C 97 15.27 12.40 4.54
N GLU C 98 16.12 13.41 4.40
CA GLU C 98 17.16 13.39 3.39
C GLU C 98 18.46 12.83 3.97
N ASN C 99 19.43 12.61 3.08
CA ASN C 99 20.77 12.13 3.42
C ASN C 99 20.74 10.78 4.15
N HIS C 100 19.61 10.09 4.12
CA HIS C 100 19.50 8.80 4.78
C HIS C 100 19.87 7.69 3.81
N LYS C 101 20.22 6.52 4.38
CA LYS C 101 20.45 5.34 3.56
C LYS C 101 19.22 4.95 2.78
N VAL C 102 18.04 5.37 3.23
CA VAL C 102 16.79 5.11 2.53
C VAL C 102 16.54 6.27 1.58
N PRO C 103 16.48 6.04 0.27
CA PRO C 103 16.11 7.11 -0.66
C PRO C 103 14.72 7.64 -0.35
N VAL C 104 14.49 8.90 -0.76
CA VAL C 104 13.23 9.57 -0.46
C VAL C 104 12.05 8.82 -1.08
N TRP C 105 12.24 8.20 -2.25
CA TRP C 105 11.12 7.53 -2.90
C TRP C 105 10.61 6.36 -2.08
N GLU C 106 11.49 5.67 -1.34
CA GLU C 106 11.03 4.58 -0.48
C GLU C 106 10.18 5.10 0.66
N GLN C 107 10.51 6.28 1.19
CA GLN C 107 9.70 6.87 2.24
C GLN C 107 8.35 7.33 1.69
N GLU C 108 8.33 7.86 0.47
CA GLU C 108 7.08 8.25 -0.16
C GLU C 108 6.21 7.04 -0.46
N MET C 109 6.84 5.91 -0.82
CA MET C 109 6.08 4.70 -1.06
C MET C 109 5.41 4.20 0.23
N SER C 110 6.11 4.36 1.36
CA SER C 110 5.54 3.98 2.65
C SER C 110 4.30 4.82 2.99
N ALA C 111 4.36 6.13 2.74
CA ALA C 111 3.19 6.97 2.99
C ALA C 111 2.06 6.65 2.03
N GLY C 112 2.39 6.31 0.78
CA GLY C 112 1.36 5.90 -0.16
C GLY C 112 0.69 4.61 0.24
N CYS C 113 1.47 3.63 0.69
CA CYS C 113 0.87 2.40 1.22
C CYS C 113 -0.04 2.69 2.39
N ALA C 114 0.27 3.74 3.17
CA ALA C 114 -0.59 4.10 4.29
C ALA C 114 -1.96 4.55 3.83
N VAL C 115 -2.04 5.21 2.67
CA VAL C 115 -3.35 5.61 2.15
C VAL C 115 -4.20 4.37 1.86
N MET C 116 -3.63 3.40 1.14
CA MET C 116 -4.40 2.22 0.79
C MET C 116 -4.75 1.40 2.01
N ALA C 117 -3.81 1.26 2.95
CA ALA C 117 -4.08 0.50 4.17
C ALA C 117 -5.26 1.08 4.93
N MET C 118 -5.32 2.41 5.05
CA MET C 118 -6.44 3.05 5.73
C MET C 118 -7.74 2.82 4.96
N GLN C 119 -7.68 2.85 3.63
CA GLN C 119 -8.89 2.62 2.84
C GLN C 119 -9.38 1.19 3.01
N MET C 120 -8.47 0.22 3.10
CA MET C 120 -8.87 -1.15 3.34
C MET C 120 -9.40 -1.34 4.76
N ALA C 121 -8.81 -0.64 5.73
CA ALA C 121 -9.33 -0.69 7.09
C ALA C 121 -10.72 -0.06 7.17
N ALA C 122 -11.01 0.92 6.31
CA ALA C 122 -12.36 1.45 6.22
C ALA C 122 -13.32 0.40 5.67
N ILE C 123 -12.91 -0.29 4.60
CA ILE C 123 -13.77 -1.30 3.99
C ILE C 123 -14.02 -2.44 4.97
N ALA C 124 -12.99 -2.82 5.73
CA ALA C 124 -13.13 -3.91 6.69
C ALA C 124 -14.14 -3.61 7.79
N GLN C 125 -14.37 -2.33 8.10
CA GLN C 125 -15.31 -1.96 9.15
C GLN C 125 -16.65 -1.49 8.61
N GLY C 126 -16.94 -1.74 7.33
CA GLY C 126 -18.22 -1.40 6.77
C GLY C 126 -18.32 -0.04 6.12
N PHE C 127 -17.21 0.69 6.01
CA PHE C 127 -17.17 1.96 5.31
C PHE C 127 -16.52 1.76 3.94
N ASN C 128 -16.12 2.85 3.30
CA ASN C 128 -15.34 2.79 2.07
C ASN C 128 -14.78 4.19 1.83
N GLY C 129 -14.17 4.38 0.67
CA GLY C 129 -13.61 5.68 0.34
C GLY C 129 -12.86 5.60 -0.97
N ILE C 130 -12.23 6.73 -1.31
CA ILE C 130 -11.53 6.87 -2.58
C ILE C 130 -10.28 7.71 -2.36
N TRP C 131 -9.17 7.23 -2.91
CA TRP C 131 -7.89 7.93 -2.89
C TRP C 131 -7.87 8.96 -4.01
N ARG C 132 -7.85 10.24 -3.65
CA ARG C 132 -7.81 11.33 -4.62
C ARG C 132 -6.55 12.15 -4.44
N SER C 133 -6.17 12.85 -5.50
CA SER C 133 -5.00 13.72 -5.44
C SER C 133 -5.28 15.03 -6.15
N GLY C 134 -5.10 15.05 -7.47
CA GLY C 134 -5.33 16.24 -8.25
C GLY C 134 -4.19 17.23 -8.16
N ALA C 135 -4.30 18.30 -8.96
CA ALA C 135 -3.22 19.27 -9.08
C ALA C 135 -2.97 20.01 -7.77
N LEU C 136 -4.00 20.16 -6.92
CA LEU C 136 -3.85 20.93 -5.69
C LEU C 136 -2.96 20.26 -4.66
N THR C 137 -2.53 19.01 -4.90
CA THR C 137 -1.53 18.42 -4.01
C THR C 137 -0.19 19.15 -4.10
N GLU C 138 0.09 19.77 -5.25
CA GLU C 138 1.33 20.52 -5.44
C GLU C 138 1.16 22.01 -5.16
N SER C 139 -0.05 22.46 -4.83
CA SER C 139 -0.28 23.87 -4.55
C SER C 139 0.50 24.31 -3.31
N ALA C 140 1.19 25.44 -3.43
CA ALA C 140 2.01 25.92 -2.31
C ALA C 140 1.15 26.29 -1.11
N ILE C 141 -0.03 26.86 -1.35
CA ILE C 141 -0.91 27.23 -0.24
C ILE C 141 -1.44 25.97 0.46
N VAL C 142 -1.75 24.93 -0.31
CA VAL C 142 -2.25 23.69 0.28
C VAL C 142 -1.13 22.99 1.05
N ARG C 143 0.05 22.89 0.44
CA ARG C 143 1.18 22.23 1.11
C ARG C 143 1.54 22.95 2.39
N GLU C 144 1.52 24.29 2.38
CA GLU C 144 1.78 25.06 3.59
C GLU C 144 0.81 24.69 4.70
N ALA C 145 -0.49 24.62 4.37
CA ALA C 145 -1.51 24.30 5.36
C ALA C 145 -1.31 22.93 5.98
N PHE C 146 -0.59 22.03 5.30
CA PHE C 146 -0.29 20.70 5.83
C PHE C 146 1.16 20.57 6.30
N GLU C 147 1.80 21.69 6.63
CA GLU C 147 3.15 21.69 7.21
C GLU C 147 4.19 21.05 6.30
N CYS C 148 3.97 21.09 4.99
CA CYS C 148 4.87 20.44 4.06
C CYS C 148 6.17 21.24 3.95
N ARG C 149 7.26 20.67 4.47
CA ARG C 149 8.58 21.14 4.11
C ARG C 149 8.84 20.82 2.64
N PRO C 150 9.81 21.49 2.01
CA PRO C 150 10.06 21.23 0.59
C PRO C 150 10.34 19.77 0.28
N GLN C 151 10.94 19.02 1.20
CA GLN C 151 11.15 17.60 0.99
C GLN C 151 9.91 16.77 1.35
N ASP C 152 8.87 17.38 1.87
CA ASP C 152 7.63 16.68 2.16
C ASP C 152 6.72 16.68 0.93
N LYS C 153 5.79 15.72 0.90
CA LYS C 153 4.94 15.53 -0.26
C LYS C 153 3.57 15.06 0.19
N ILE C 154 2.52 15.68 -0.35
CA ILE C 154 1.15 15.22 -0.11
C ILE C 154 0.88 14.08 -1.08
N VAL C 155 0.75 12.86 -0.55
CA VAL C 155 0.58 11.69 -1.40
C VAL C 155 -0.87 11.31 -1.64
N GLY C 156 -1.82 11.91 -0.92
CA GLY C 156 -3.23 11.62 -1.13
C GLY C 156 -4.23 12.37 -0.26
N PHE C 157 -5.44 12.56 -0.79
CA PHE C 157 -6.58 13.00 -0.01
C PHE C 157 -7.54 11.82 0.05
N LEU C 158 -7.60 11.14 1.18
CA LEU C 158 -8.42 9.93 1.31
C LEU C 158 -9.79 10.31 1.86
N TYR C 159 -10.79 10.33 0.99
CA TYR C 159 -12.16 10.57 1.40
C TYR C 159 -12.77 9.29 1.96
N LEU C 160 -13.51 9.42 3.06
CA LEU C 160 -14.02 8.25 3.77
C LEU C 160 -15.44 8.48 4.26
N GLY C 161 -16.25 7.42 4.24
CA GLY C 161 -17.62 7.51 4.69
C GLY C 161 -18.37 6.23 4.38
N THR C 162 -19.70 6.32 4.51
CA THR C 162 -20.57 5.18 4.26
C THR C 162 -20.95 5.15 2.79
N PRO C 163 -20.71 4.05 2.07
CA PRO C 163 -21.10 4.00 0.65
C PRO C 163 -22.61 3.95 0.49
N GLN C 164 -23.10 4.55 -0.58
CA GLN C 164 -24.54 4.64 -0.82
C GLN C 164 -24.98 3.82 -2.02
N PRO C 176 -4.29 -11.73 -14.98
CA PRO C 176 -2.92 -11.42 -14.57
C PRO C 176 -1.90 -11.98 -15.56
N THR C 177 -2.29 -12.19 -16.81
CA THR C 177 -1.39 -12.83 -17.77
C THR C 177 -0.52 -11.83 -18.54
N PRO C 178 -1.03 -10.68 -19.00
CA PRO C 178 -0.13 -9.74 -19.71
C PRO C 178 0.70 -8.82 -18.82
N PHE C 179 0.47 -8.83 -17.50
CA PHE C 179 1.27 -8.06 -16.57
C PHE C 179 2.30 -8.90 -15.83
N VAL C 180 2.19 -10.23 -15.89
CA VAL C 180 3.06 -11.13 -15.14
C VAL C 180 4.04 -11.78 -16.11
N ARG C 181 5.30 -11.85 -15.69
CA ARG C 181 6.36 -12.47 -16.46
C ARG C 181 7.17 -13.38 -15.55
N TYR C 182 7.82 -14.36 -16.17
CA TYR C 182 8.69 -15.29 -15.47
C TYR C 182 10.14 -14.97 -15.84
N PHE C 183 10.90 -14.51 -14.85
CA PHE C 183 12.30 -14.18 -15.05
C PHE C 183 13.10 -15.45 -15.33
N MET D 1 -8.05 -15.92 7.94
CA MET D 1 -7.56 -14.75 8.65
C MET D 1 -8.50 -13.56 8.45
N ASP D 2 -8.74 -12.81 9.52
CA ASP D 2 -9.62 -11.65 9.46
C ASP D 2 -8.93 -10.47 8.80
N ALA D 3 -9.67 -9.73 7.98
CA ALA D 3 -9.10 -8.61 7.25
C ALA D 3 -8.58 -7.54 8.20
N LEU D 4 -9.39 -7.14 9.18
CA LEU D 4 -9.00 -6.08 10.09
C LEU D 4 -7.81 -6.47 10.95
N GLU D 5 -7.75 -7.75 11.37
CA GLU D 5 -6.64 -8.20 12.20
C GLU D 5 -5.32 -8.16 11.43
N LEU D 6 -5.36 -8.36 10.11
CA LEU D 6 -4.14 -8.30 9.32
C LEU D 6 -3.68 -6.86 9.11
N LEU D 7 -4.61 -5.95 8.78
CA LEU D 7 -4.24 -4.56 8.55
C LEU D 7 -3.65 -3.92 9.81
N VAL D 8 -4.15 -4.31 10.98
CA VAL D 8 -3.68 -3.70 12.22
C VAL D 8 -2.39 -4.36 12.71
N ASN D 9 -2.22 -5.66 12.45
CA ASN D 9 -1.10 -6.43 12.99
C ASN D 9 -0.23 -7.01 11.87
N ARG D 10 -0.08 -6.29 10.77
CA ARG D 10 0.76 -6.79 9.69
C ARG D 10 2.23 -6.75 10.11
N ARG D 11 2.95 -7.83 9.84
CA ARG D 11 4.36 -7.91 10.15
C ARG D 11 5.08 -8.71 9.06
N SER D 12 6.25 -8.23 8.66
CA SER D 12 7.03 -8.90 7.64
C SER D 12 7.82 -10.06 8.26
N ALA D 13 8.37 -10.91 7.38
CA ALA D 13 9.21 -12.01 7.79
C ALA D 13 10.36 -12.14 6.79
N SER D 14 11.59 -12.00 7.27
CA SER D 14 12.75 -12.16 6.42
C SER D 14 13.28 -13.59 6.38
N ARG D 15 12.94 -14.40 7.38
CA ARG D 15 13.38 -15.79 7.46
C ARG D 15 12.35 -16.64 6.72
N LEU D 16 12.60 -16.88 5.44
CA LEU D 16 11.65 -17.56 4.57
C LEU D 16 12.25 -18.85 4.04
N ALA D 17 11.39 -19.83 3.75
CA ALA D 17 11.83 -21.12 3.26
C ALA D 17 10.67 -21.79 2.53
N GLU D 18 10.99 -22.93 1.90
CA GLU D 18 9.97 -23.77 1.30
C GLU D 18 8.96 -24.22 2.36
N PRO D 19 7.67 -24.32 2.02
CA PRO D 19 7.04 -24.11 0.71
C PRO D 19 6.80 -22.64 0.33
N ALA D 20 7.10 -22.31 -0.92
CA ALA D 20 6.71 -21.03 -1.49
C ALA D 20 5.26 -21.10 -1.96
N PRO D 21 4.57 -19.97 -2.05
CA PRO D 21 3.23 -19.98 -2.63
C PRO D 21 3.29 -20.35 -4.11
N VAL D 22 2.45 -21.32 -4.49
CA VAL D 22 2.37 -21.79 -5.88
C VAL D 22 0.91 -22.04 -6.22
N GLY D 23 0.66 -22.20 -7.52
CA GLY D 23 -0.69 -22.52 -7.97
C GLY D 23 -1.65 -21.39 -7.68
N GLU D 24 -2.80 -21.73 -7.10
CA GLU D 24 -3.81 -20.72 -6.82
C GLU D 24 -3.35 -19.76 -5.72
N GLN D 25 -2.46 -20.21 -4.84
CA GLN D 25 -1.87 -19.31 -3.86
C GLN D 25 -1.12 -18.18 -4.55
N LEU D 26 -0.27 -18.52 -5.51
CA LEU D 26 0.45 -17.50 -6.26
C LEU D 26 -0.50 -16.61 -7.06
N GLN D 27 -1.52 -17.21 -7.69
CA GLN D 27 -2.44 -16.45 -8.51
C GLN D 27 -3.23 -15.44 -7.68
N ASN D 28 -3.61 -15.83 -6.45
CA ASN D 28 -4.29 -14.88 -5.57
C ASN D 28 -3.37 -13.75 -5.14
N ILE D 29 -2.07 -14.03 -4.99
CA ILE D 29 -1.11 -12.97 -4.70
C ILE D 29 -1.04 -11.99 -5.87
N LEU D 30 -0.97 -12.51 -7.09
CA LEU D 30 -0.88 -11.64 -8.25
C LEU D 30 -2.16 -10.85 -8.47
N ARG D 31 -3.32 -11.47 -8.21
CA ARG D 31 -4.59 -10.75 -8.33
C ARG D 31 -4.67 -9.60 -7.33
N ALA D 32 -4.22 -9.83 -6.09
CA ALA D 32 -4.22 -8.75 -5.11
C ALA D 32 -3.33 -7.60 -5.58
N GLY D 33 -2.19 -7.92 -6.20
CA GLY D 33 -1.32 -6.87 -6.70
C GLY D 33 -1.99 -6.03 -7.77
N MET D 34 -2.81 -6.65 -8.60
CA MET D 34 -3.47 -5.95 -9.70
C MET D 34 -4.79 -5.29 -9.30
N ARG D 35 -5.16 -5.35 -8.03
CA ARG D 35 -6.41 -4.77 -7.55
C ARG D 35 -6.18 -3.44 -6.84
N VAL D 36 -4.96 -2.93 -6.83
CA VAL D 36 -4.59 -1.74 -6.06
C VAL D 36 -5.19 -0.49 -6.71
N PRO D 37 -5.33 0.61 -5.96
CA PRO D 37 -5.78 1.86 -6.57
C PRO D 37 -4.91 2.25 -7.76
N ASP D 38 -5.54 2.88 -8.74
CA ASP D 38 -4.90 3.10 -10.04
C ASP D 38 -5.61 4.28 -10.70
N HIS D 39 -4.96 5.45 -10.67
CA HIS D 39 -5.56 6.66 -11.23
C HIS D 39 -5.68 6.52 -12.74
N LYS D 40 -6.91 6.63 -13.25
CA LYS D 40 -7.26 6.51 -14.66
C LYS D 40 -7.08 5.09 -15.20
N SER D 41 -6.92 4.10 -14.32
CA SER D 41 -6.85 2.69 -14.71
C SER D 41 -5.74 2.44 -15.73
N LEU D 42 -4.55 2.97 -15.44
CA LEU D 42 -3.42 2.80 -16.34
C LEU D 42 -2.77 1.43 -16.21
N GLN D 43 -3.03 0.72 -15.11
CA GLN D 43 -2.37 -0.54 -14.79
C GLN D 43 -0.86 -0.43 -14.98
N PRO D 44 -0.20 0.47 -14.23
CA PRO D 44 1.20 0.82 -14.50
C PRO D 44 2.20 -0.06 -13.77
N TRP D 45 2.06 -1.38 -13.91
CA TRP D 45 2.98 -2.27 -13.24
C TRP D 45 3.21 -3.52 -14.07
N ARG D 46 4.37 -4.14 -13.85
CA ARG D 46 4.70 -5.46 -14.34
C ARG D 46 5.29 -6.25 -13.17
N PHE D 47 4.91 -7.52 -13.07
CA PHE D 47 5.37 -8.40 -12.00
C PHE D 47 6.22 -9.51 -12.60
N PHE D 48 7.45 -9.64 -12.12
CA PHE D 48 8.37 -10.67 -12.58
C PHE D 48 8.45 -11.76 -11.51
N VAL D 49 7.93 -12.94 -11.82
CA VAL D 49 7.98 -14.06 -10.89
C VAL D 49 9.35 -14.72 -11.01
N ILE D 50 10.07 -14.81 -9.90
CA ILE D 50 11.42 -15.36 -9.85
C ILE D 50 11.41 -16.61 -9.00
N GLU D 51 11.70 -17.75 -9.63
CA GLU D 51 11.71 -19.02 -8.91
C GLU D 51 12.54 -20.02 -9.70
N GLY D 52 13.07 -21.02 -8.99
CA GLY D 52 13.85 -22.07 -9.64
C GLY D 52 15.09 -21.51 -10.31
N GLU D 53 15.29 -21.89 -11.57
CA GLU D 53 16.42 -21.40 -12.34
C GLU D 53 16.34 -19.89 -12.55
N GLY D 54 15.15 -19.30 -12.41
CA GLY D 54 15.04 -17.85 -12.43
C GLY D 54 15.80 -17.18 -11.29
N ARG D 55 15.87 -17.83 -10.13
CA ARG D 55 16.69 -17.31 -9.04
C ARG D 55 18.16 -17.30 -9.42
N ASP D 56 18.62 -18.28 -10.21
CA ASP D 56 20.01 -18.28 -10.65
C ASP D 56 20.29 -17.12 -11.60
N ARG D 57 19.38 -16.85 -12.53
CA ARG D 57 19.57 -15.72 -13.44
C ARG D 57 19.47 -14.39 -12.69
N PHE D 58 18.57 -14.31 -11.71
CA PHE D 58 18.48 -13.11 -10.88
C PHE D 58 19.76 -12.91 -10.07
N SER D 59 20.36 -14.01 -9.62
CA SER D 59 21.62 -13.92 -8.88
C SER D 59 22.74 -13.40 -9.76
N ALA D 60 22.81 -13.85 -11.02
CA ALA D 60 23.87 -13.40 -11.91
C ALA D 60 23.73 -11.93 -12.24
N VAL D 61 22.50 -11.47 -12.48
CA VAL D 61 22.29 -10.05 -12.77
C VAL D 61 22.63 -9.20 -11.55
N LEU D 62 22.20 -9.63 -10.36
CA LEU D 62 22.52 -8.89 -9.15
C LEU D 62 24.02 -8.87 -8.90
N GLU D 63 24.70 -9.99 -9.14
CA GLU D 63 26.16 -10.03 -8.97
C GLU D 63 26.85 -9.10 -9.97
N GLN D 64 26.39 -9.09 -11.22
CA GLN D 64 26.94 -8.16 -12.20
C GLN D 64 26.74 -6.71 -11.77
N GLY D 65 25.55 -6.38 -11.27
CA GLY D 65 25.29 -5.01 -10.86
C GLY D 65 26.15 -4.57 -9.70
N ALA D 66 26.44 -5.50 -8.79
CA ALA D 66 27.29 -5.17 -7.65
C ALA D 66 28.73 -4.93 -8.08
N VAL D 67 29.20 -5.70 -9.07
CA VAL D 67 30.53 -5.47 -9.60
C VAL D 67 30.62 -4.10 -10.26
N ALA D 68 29.63 -3.77 -11.08
CA ALA D 68 29.63 -2.46 -11.74
C ALA D 68 29.42 -1.33 -10.74
N ALA D 69 28.74 -1.61 -9.63
CA ALA D 69 28.54 -0.59 -8.60
C ALA D 69 29.79 -0.28 -7.81
N GLY D 70 30.84 -1.10 -7.93
CA GLY D 70 32.08 -0.86 -7.23
C GLY D 70 32.19 -1.53 -5.87
N GLY D 71 31.37 -2.53 -5.58
CA GLY D 71 31.45 -3.20 -4.31
C GLY D 71 32.70 -4.05 -4.17
N ASP D 72 33.07 -4.30 -2.91
CA ASP D 72 34.22 -5.17 -2.64
C ASP D 72 33.77 -6.63 -2.73
N GLU D 73 34.65 -7.55 -2.32
CA GLU D 73 34.33 -8.98 -2.43
C GLU D 73 33.09 -9.33 -1.62
N LYS D 74 32.96 -8.76 -0.42
CA LYS D 74 31.83 -9.09 0.45
C LYS D 74 30.52 -8.62 -0.15
N ALA D 75 30.50 -7.43 -0.78
CA ALA D 75 29.27 -6.92 -1.35
C ALA D 75 28.88 -7.67 -2.61
N ILE D 76 29.87 -8.07 -3.42
CA ILE D 76 29.58 -8.82 -4.63
C ILE D 76 28.99 -10.18 -4.27
N GLU D 77 29.52 -10.84 -3.25
CA GLU D 77 29.02 -12.15 -2.87
C GLU D 77 27.66 -12.05 -2.19
N LYS D 78 27.47 -11.02 -1.36
CA LYS D 78 26.17 -10.77 -0.77
C LYS D 78 25.10 -10.61 -1.86
N ALA D 79 25.46 -9.95 -2.96
CA ALA D 79 24.53 -9.80 -4.07
C ALA D 79 24.29 -11.13 -4.77
N ARG D 80 25.33 -11.95 -4.94
CA ARG D 80 25.14 -13.25 -5.58
C ARG D 80 24.18 -14.12 -4.79
N ASN D 81 24.31 -14.13 -3.46
CA ASN D 81 23.49 -14.96 -2.59
C ASN D 81 22.17 -14.32 -2.20
N ALA D 82 21.93 -13.07 -2.59
CA ALA D 82 20.71 -12.38 -2.19
C ALA D 82 19.44 -13.11 -2.61
N PRO D 83 19.26 -13.56 -3.86
CA PRO D 83 18.00 -14.20 -4.23
C PRO D 83 17.73 -15.49 -3.48
N PHE D 84 18.73 -16.09 -2.86
CA PHE D 84 18.53 -17.38 -2.21
C PHE D 84 18.01 -17.25 -0.78
N ARG D 85 17.62 -16.05 -0.36
CA ARG D 85 17.00 -15.84 0.94
C ARG D 85 15.50 -16.15 0.95
N ALA D 86 14.96 -16.61 -0.18
CA ALA D 86 13.54 -16.96 -0.25
C ALA D 86 13.35 -17.93 -1.40
N PRO D 87 12.34 -18.82 -1.31
CA PRO D 87 12.03 -19.69 -2.45
C PRO D 87 11.29 -18.98 -3.57
N LEU D 88 10.86 -17.74 -3.37
CA LEU D 88 10.15 -16.99 -4.39
C LEU D 88 10.45 -15.51 -4.22
N ILE D 89 10.68 -14.83 -5.35
CA ILE D 89 10.81 -13.37 -5.39
C ILE D 89 9.90 -12.85 -6.49
N ILE D 90 9.18 -11.78 -6.19
CA ILE D 90 8.40 -11.07 -7.20
C ILE D 90 8.95 -9.65 -7.30
N THR D 91 9.50 -9.32 -8.46
CA THR D 91 9.99 -7.98 -8.73
C THR D 91 8.89 -7.15 -9.38
N VAL D 92 8.61 -5.99 -8.79
CA VAL D 92 7.54 -5.10 -9.26
C VAL D 92 8.19 -3.91 -9.96
N VAL D 93 7.83 -3.72 -11.23
CA VAL D 93 8.31 -2.61 -12.04
C VAL D 93 7.16 -1.64 -12.25
N ALA D 94 7.36 -0.39 -11.87
CA ALA D 94 6.39 0.66 -12.18
C ALA D 94 6.49 0.98 -13.67
N LYS D 95 5.49 0.56 -14.43
CA LYS D 95 5.48 0.73 -15.89
C LYS D 95 4.72 2.00 -16.20
N CYS D 96 5.44 3.13 -16.21
CA CYS D 96 4.83 4.45 -16.17
C CYS D 96 4.60 5.03 -17.57
N GLU D 97 3.58 5.88 -17.66
CA GLU D 97 3.28 6.63 -18.87
C GLU D 97 3.76 8.07 -18.67
N GLU D 98 4.72 8.50 -19.47
CA GLU D 98 5.24 9.85 -19.39
C GLU D 98 4.30 10.84 -20.07
N ASN D 99 4.31 12.07 -19.58
CA ASN D 99 3.50 13.16 -20.14
C ASN D 99 2.02 12.78 -20.22
N HIS D 100 1.56 12.11 -19.16
CA HIS D 100 0.16 11.74 -19.01
C HIS D 100 -0.53 12.71 -18.05
N LYS D 101 -1.86 12.77 -18.14
CA LYS D 101 -2.62 13.55 -17.17
C LYS D 101 -2.33 13.09 -15.74
N VAL D 102 -2.07 11.79 -15.58
CA VAL D 102 -1.65 11.24 -14.29
C VAL D 102 -0.14 11.38 -14.17
N PRO D 103 0.37 12.12 -13.18
CA PRO D 103 1.82 12.23 -13.01
C PRO D 103 2.45 10.89 -12.70
N VAL D 104 3.74 10.78 -13.04
CA VAL D 104 4.46 9.52 -12.87
C VAL D 104 4.43 9.06 -11.41
N TRP D 105 4.48 10.01 -10.46
CA TRP D 105 4.56 9.63 -9.06
C TRP D 105 3.30 8.88 -8.61
N GLU D 106 2.14 9.21 -9.16
CA GLU D 106 0.92 8.49 -8.81
C GLU D 106 0.95 7.08 -9.36
N GLN D 107 1.51 6.90 -10.55
CA GLN D 107 1.62 5.55 -11.12
C GLN D 107 2.62 4.72 -10.34
N GLU D 108 3.73 5.33 -9.90
CA GLU D 108 4.68 4.62 -9.05
C GLU D 108 4.07 4.27 -7.70
N MET D 109 3.22 5.15 -7.17
CA MET D 109 2.52 4.85 -5.93
C MET D 109 1.65 3.61 -6.08
N SER D 110 1.02 3.46 -7.25
CA SER D 110 0.20 2.27 -7.52
C SER D 110 1.06 1.01 -7.54
N ALA D 111 2.25 1.08 -8.14
CA ALA D 111 3.13 -0.09 -8.18
C ALA D 111 3.61 -0.46 -6.77
N GLY D 112 3.94 0.54 -5.96
CA GLY D 112 4.36 0.26 -4.60
C GLY D 112 3.26 -0.35 -3.76
N CYS D 113 2.03 0.16 -3.90
CA CYS D 113 0.89 -0.49 -3.24
C CYS D 113 0.74 -1.93 -3.68
N ALA D 114 1.05 -2.25 -4.94
CA ALA D 114 0.98 -3.64 -5.40
C ALA D 114 1.94 -4.54 -4.63
N VAL D 115 3.10 -4.02 -4.24
CA VAL D 115 4.05 -4.82 -3.47
C VAL D 115 3.45 -5.21 -2.13
N MET D 116 2.92 -4.22 -1.40
CA MET D 116 2.35 -4.51 -0.08
C MET D 116 1.12 -5.39 -0.19
N ALA D 117 0.27 -5.13 -1.19
CA ALA D 117 -0.92 -5.95 -1.37
C ALA D 117 -0.57 -7.40 -1.63
N MET D 118 0.50 -7.65 -2.38
CA MET D 118 0.92 -9.03 -2.62
C MET D 118 1.48 -9.67 -1.35
N GLN D 119 2.20 -8.89 -0.54
CA GLN D 119 2.72 -9.43 0.72
C GLN D 119 1.58 -9.73 1.69
N MET D 120 0.57 -8.87 1.74
CA MET D 120 -0.60 -9.15 2.57
C MET D 120 -1.35 -10.37 2.08
N ALA D 121 -1.47 -10.53 0.75
CA ALA D 121 -2.09 -11.74 0.22
C ALA D 121 -1.29 -12.98 0.57
N ALA D 122 0.03 -12.85 0.70
CA ALA D 122 0.85 -13.98 1.14
C ALA D 122 0.54 -14.33 2.60
N ILE D 123 0.50 -13.31 3.46
CA ILE D 123 0.22 -13.55 4.88
C ILE D 123 -1.18 -14.14 5.05
N ALA D 124 -2.15 -13.65 4.28
CA ALA D 124 -3.52 -14.13 4.40
C ALA D 124 -3.66 -15.60 4.07
N GLN D 125 -2.73 -16.17 3.29
CA GLN D 125 -2.75 -17.57 2.94
C GLN D 125 -1.74 -18.38 3.73
N GLY D 126 -1.25 -17.84 4.84
CA GLY D 126 -0.33 -18.56 5.70
C GLY D 126 1.14 -18.43 5.36
N PHE D 127 1.49 -17.58 4.39
CA PHE D 127 2.88 -17.33 4.04
C PHE D 127 3.32 -16.01 4.69
N ASN D 128 4.42 -15.44 4.20
CA ASN D 128 4.86 -14.11 4.58
C ASN D 128 6.00 -13.71 3.63
N GLY D 129 6.64 -12.59 3.92
CA GLY D 129 7.72 -12.11 3.08
C GLY D 129 8.16 -10.73 3.52
N ILE D 130 9.11 -10.18 2.77
CA ILE D 130 9.69 -8.89 3.11
C ILE D 130 9.93 -8.10 1.83
N TRP D 131 9.50 -6.84 1.84
CA TRP D 131 9.72 -5.90 0.76
C TRP D 131 11.15 -5.36 0.86
N ARG D 132 12.00 -5.71 -0.10
CA ARG D 132 13.38 -5.27 -0.12
C ARG D 132 13.65 -4.43 -1.36
N SER D 133 14.69 -3.61 -1.28
CA SER D 133 15.11 -2.80 -2.41
C SER D 133 16.63 -2.77 -2.52
N GLY D 134 17.26 -1.85 -1.79
CA GLY D 134 18.70 -1.68 -1.85
C GLY D 134 19.13 -0.91 -3.08
N ALA D 135 20.43 -0.64 -3.14
CA ALA D 135 20.97 0.21 -4.19
C ALA D 135 20.88 -0.42 -5.58
N LEU D 136 20.76 -1.74 -5.67
CA LEU D 136 20.75 -2.41 -6.96
C LEU D 136 19.46 -2.18 -7.73
N THR D 137 18.42 -1.63 -7.11
CA THR D 137 17.23 -1.26 -7.87
C THR D 137 17.53 -0.19 -8.91
N GLU D 138 18.55 0.64 -8.66
CA GLU D 138 18.95 1.70 -9.57
C GLU D 138 20.07 1.28 -10.52
N SER D 139 20.58 0.05 -10.40
CA SER D 139 21.65 -0.41 -11.26
C SER D 139 21.17 -0.53 -12.70
N ALA D 140 21.97 -0.01 -13.63
CA ALA D 140 21.60 -0.09 -15.05
C ALA D 140 21.50 -1.53 -15.53
N ILE D 141 22.36 -2.41 -14.99
CA ILE D 141 22.33 -3.81 -15.39
C ILE D 141 21.04 -4.47 -14.92
N VAL D 142 20.66 -4.23 -13.66
CA VAL D 142 19.46 -4.84 -13.12
C VAL D 142 18.21 -4.28 -13.81
N ARG D 143 18.16 -2.97 -13.99
CA ARG D 143 17.02 -2.36 -14.67
C ARG D 143 16.88 -2.89 -16.09
N GLU D 144 17.99 -3.07 -16.80
CA GLU D 144 17.95 -3.63 -18.15
C GLU D 144 17.34 -5.03 -18.14
N ALA D 145 17.75 -5.87 -17.18
CA ALA D 145 17.22 -7.23 -17.10
C ALA D 145 15.72 -7.26 -16.85
N PHE D 146 15.15 -6.20 -16.28
CA PHE D 146 13.72 -6.12 -16.03
C PHE D 146 13.01 -5.20 -17.03
N GLU D 147 13.62 -4.97 -18.19
CA GLU D 147 12.99 -4.24 -19.29
C GLU D 147 12.54 -2.84 -18.87
N CYS D 148 13.35 -2.20 -18.03
CA CYS D 148 13.01 -0.86 -17.54
C CYS D 148 13.34 0.18 -18.61
N ARG D 149 12.32 0.86 -19.11
CA ARG D 149 12.51 2.05 -19.92
C ARG D 149 12.98 3.18 -19.02
N PRO D 150 13.42 4.31 -19.59
CA PRO D 150 13.84 5.43 -18.73
C PRO D 150 12.77 5.88 -17.73
N GLN D 151 11.50 5.87 -18.13
CA GLN D 151 10.43 6.26 -17.23
C GLN D 151 9.94 5.13 -16.33
N ASP D 152 10.57 3.95 -16.40
CA ASP D 152 10.19 2.82 -15.57
C ASP D 152 11.09 2.74 -14.34
N LYS D 153 10.55 2.13 -13.29
CA LYS D 153 11.22 2.11 -12.00
C LYS D 153 10.99 0.78 -11.31
N ILE D 154 12.07 0.21 -10.75
CA ILE D 154 11.95 -0.98 -9.92
C ILE D 154 11.57 -0.51 -8.51
N VAL D 155 10.35 -0.83 -8.07
CA VAL D 155 9.86 -0.34 -6.79
C VAL D 155 10.04 -1.35 -5.67
N GLY D 156 10.36 -2.60 -5.98
CA GLY D 156 10.61 -3.57 -4.94
C GLY D 156 10.99 -4.95 -5.42
N PHE D 157 11.80 -5.65 -4.62
CA PHE D 157 12.03 -7.09 -4.76
C PHE D 157 11.30 -7.76 -3.60
N LEU D 158 10.15 -8.36 -3.88
CA LEU D 158 9.30 -8.94 -2.83
C LEU D 158 9.69 -10.40 -2.63
N TYR D 159 10.42 -10.67 -1.54
CA TYR D 159 10.76 -12.04 -1.18
C TYR D 159 9.56 -12.70 -0.53
N LEU D 160 9.31 -13.96 -0.89
CA LEU D 160 8.14 -14.68 -0.39
C LEU D 160 8.49 -16.13 -0.09
N GLY D 161 7.81 -16.68 0.92
CA GLY D 161 8.03 -18.05 1.30
C GLY D 161 7.31 -18.37 2.60
N THR D 162 7.68 -19.49 3.19
CA THR D 162 7.10 -19.87 4.48
C THR D 162 7.98 -19.35 5.61
N PRO D 163 7.41 -18.63 6.57
CA PRO D 163 8.21 -18.09 7.68
C PRO D 163 8.71 -19.20 8.59
N GLN D 164 9.66 -18.84 9.45
CA GLN D 164 10.26 -19.77 10.39
C GLN D 164 10.40 -19.14 11.77
N PRO D 174 -0.27 -0.18 19.85
CA PRO D 174 -0.54 0.50 18.58
C PRO D 174 -1.25 1.83 18.78
N ASP D 175 -0.53 2.83 19.30
CA ASP D 175 -1.09 4.15 19.51
C ASP D 175 -0.78 5.05 18.34
N PRO D 176 -1.78 5.66 17.70
CA PRO D 176 -1.54 6.53 16.54
C PRO D 176 -1.44 8.03 16.88
N THR D 177 -1.40 8.40 18.16
CA THR D 177 -1.40 9.81 18.53
C THR D 177 -0.24 10.61 17.94
N PRO D 178 1.03 10.17 18.03
CA PRO D 178 2.13 11.06 17.63
C PRO D 178 2.11 11.48 16.17
N PHE D 179 1.43 10.75 15.29
CA PHE D 179 1.46 11.03 13.87
C PHE D 179 0.13 11.53 13.33
N VAL D 180 -0.89 11.67 14.17
CA VAL D 180 -2.20 12.15 13.75
C VAL D 180 -2.37 13.60 14.19
N ARG D 181 -2.85 14.43 13.28
CA ARG D 181 -3.14 15.83 13.53
C ARG D 181 -4.53 16.16 13.00
N TYR D 182 -5.18 17.13 13.62
CA TYR D 182 -6.51 17.58 13.21
C TYR D 182 -6.40 18.91 12.50
N PHE D 183 -6.76 18.91 11.21
CA PHE D 183 -6.75 20.12 10.40
C PHE D 183 -7.82 21.10 10.89
N MET E 1 35.85 -36.16 -26.24
CA MET E 1 37.08 -36.02 -25.48
C MET E 1 37.95 -37.28 -25.54
N ASP E 2 39.24 -37.08 -25.76
CA ASP E 2 40.18 -38.20 -25.68
C ASP E 2 40.34 -38.65 -24.24
N ALA E 3 40.28 -39.95 -24.01
CA ALA E 3 40.36 -40.49 -22.65
C ALA E 3 41.71 -40.17 -22.01
N LEU E 4 42.80 -40.43 -22.73
CA LEU E 4 44.12 -40.20 -22.14
C LEU E 4 44.37 -38.72 -21.90
N GLU E 5 43.95 -37.85 -22.83
CA GLU E 5 44.15 -36.42 -22.61
C GLU E 5 43.36 -35.92 -21.41
N LEU E 6 42.17 -36.47 -21.16
CA LEU E 6 41.42 -36.09 -19.97
C LEU E 6 42.15 -36.56 -18.71
N LEU E 7 42.60 -37.81 -18.69
CA LEU E 7 43.26 -38.36 -17.50
C LEU E 7 44.55 -37.60 -17.17
N VAL E 8 45.27 -37.14 -18.19
CA VAL E 8 46.54 -36.47 -17.97
C VAL E 8 46.37 -34.97 -17.66
N ASN E 9 45.29 -34.35 -18.12
CA ASN E 9 45.13 -32.91 -17.96
C ASN E 9 43.89 -32.52 -17.16
N ARG E 10 43.26 -33.48 -16.46
CA ARG E 10 42.04 -33.20 -15.72
C ARG E 10 42.22 -32.03 -14.76
N ARG E 11 41.23 -31.14 -14.76
CA ARG E 11 41.23 -29.96 -13.91
C ARG E 11 39.82 -29.73 -13.38
N SER E 12 39.73 -29.28 -12.13
CA SER E 12 38.46 -28.94 -11.52
C SER E 12 38.09 -27.49 -11.81
N ALA E 13 36.83 -27.16 -11.57
CA ALA E 13 36.33 -25.80 -11.77
C ALA E 13 35.38 -25.45 -10.65
N SER E 14 35.64 -24.32 -9.99
CA SER E 14 34.85 -23.92 -8.83
C SER E 14 33.76 -22.90 -9.16
N ARG E 15 33.93 -22.10 -10.22
CA ARG E 15 32.89 -21.18 -10.66
C ARG E 15 31.99 -21.93 -11.65
N LEU E 16 30.76 -22.23 -11.20
CA LEU E 16 29.84 -23.05 -11.96
C LEU E 16 28.47 -22.37 -12.01
N ALA E 17 27.73 -22.64 -13.09
CA ALA E 17 26.41 -22.06 -13.27
C ALA E 17 25.58 -22.95 -14.16
N GLU E 18 24.31 -22.59 -14.32
CA GLU E 18 23.43 -23.26 -15.25
C GLU E 18 24.00 -23.15 -16.67
N PRO E 19 23.78 -24.16 -17.53
CA PRO E 19 23.01 -25.37 -17.22
C PRO E 19 23.79 -26.43 -16.42
N ALA E 20 23.06 -27.18 -15.61
CA ALA E 20 23.60 -28.38 -15.00
C ALA E 20 23.37 -29.58 -15.91
N PRO E 21 24.16 -30.64 -15.75
CA PRO E 21 23.86 -31.87 -16.51
C PRO E 21 22.52 -32.45 -16.06
N VAL E 22 21.65 -32.71 -17.04
CA VAL E 22 20.33 -33.26 -16.78
C VAL E 22 20.07 -34.39 -17.76
N GLY E 23 19.09 -35.22 -17.44
CA GLY E 23 18.68 -36.28 -18.34
C GLY E 23 19.80 -37.27 -18.60
N GLU E 24 20.12 -37.48 -19.88
CA GLU E 24 21.16 -38.44 -20.26
C GLU E 24 22.51 -38.02 -19.71
N GLN E 25 22.78 -36.71 -19.67
CA GLN E 25 24.06 -36.24 -19.15
C GLN E 25 24.22 -36.62 -17.67
N LEU E 26 23.17 -36.41 -16.89
CA LEU E 26 23.20 -36.82 -15.48
C LEU E 26 23.26 -38.33 -15.35
N GLN E 27 22.49 -39.04 -16.17
CA GLN E 27 22.49 -40.51 -16.11
C GLN E 27 23.88 -41.06 -16.42
N ASN E 28 24.60 -40.44 -17.34
CA ASN E 28 25.95 -40.90 -17.67
C ASN E 28 26.92 -40.67 -16.52
N ILE E 29 26.75 -39.54 -15.81
CA ILE E 29 27.59 -39.25 -14.65
C ILE E 29 27.39 -40.29 -13.57
N LEU E 30 26.14 -40.65 -13.29
CA LEU E 30 25.87 -41.66 -12.26
C LEU E 30 26.38 -43.03 -12.68
N ARG E 31 26.24 -43.38 -13.96
CA ARG E 31 26.78 -44.65 -14.44
C ARG E 31 28.29 -44.72 -14.27
N ALA E 32 29.00 -43.62 -14.50
CA ALA E 32 30.43 -43.60 -14.25
C ALA E 32 30.74 -43.87 -12.79
N GLY E 33 29.96 -43.28 -11.89
CA GLY E 33 30.21 -43.49 -10.47
C GLY E 33 30.07 -44.94 -10.07
N MET E 34 29.06 -45.63 -10.61
CA MET E 34 28.82 -47.02 -10.25
C MET E 34 29.72 -48.00 -10.97
N ARG E 35 30.61 -47.51 -11.84
CA ARG E 35 31.52 -48.37 -12.60
C ARG E 35 32.88 -48.51 -11.94
N VAL E 36 33.08 -47.90 -10.77
CA VAL E 36 34.40 -47.84 -10.13
C VAL E 36 34.84 -49.23 -9.66
N PRO E 37 36.13 -49.45 -9.44
CA PRO E 37 36.56 -50.72 -8.84
C PRO E 37 35.91 -50.91 -7.48
N ASP E 38 35.62 -52.18 -7.17
CA ASP E 38 34.75 -52.53 -6.05
C ASP E 38 35.12 -53.95 -5.60
N HIS E 39 35.88 -54.05 -4.52
CA HIS E 39 36.35 -55.34 -4.05
C HIS E 39 35.17 -56.19 -3.58
N LYS E 40 34.97 -57.34 -4.23
CA LYS E 40 33.90 -58.30 -3.96
C LYS E 40 32.51 -57.75 -4.31
N SER E 41 32.45 -56.70 -5.11
CA SER E 41 31.20 -56.21 -5.69
C SER E 41 30.16 -55.89 -4.61
N LEU E 42 30.61 -55.20 -3.57
CA LEU E 42 29.72 -54.81 -2.49
C LEU E 42 28.88 -53.58 -2.83
N GLN E 43 29.24 -52.85 -3.87
CA GLN E 43 28.61 -51.58 -4.25
C GLN E 43 28.40 -50.70 -3.03
N PRO E 44 29.47 -50.31 -2.32
CA PRO E 44 29.36 -49.63 -1.02
C PRO E 44 29.20 -48.11 -1.13
N TRP E 45 28.23 -47.67 -1.92
CA TRP E 45 28.03 -46.23 -2.06
C TRP E 45 26.57 -45.92 -2.33
N ARG E 46 26.18 -44.71 -1.93
CA ARG E 46 24.89 -44.14 -2.27
C ARG E 46 25.13 -42.73 -2.80
N PHE E 47 24.40 -42.38 -3.85
CA PHE E 47 24.52 -41.08 -4.49
C PHE E 47 23.24 -40.28 -4.29
N PHE E 48 23.37 -39.06 -3.78
CA PHE E 48 22.24 -38.19 -3.53
C PHE E 48 22.31 -37.01 -4.50
N VAL E 49 21.37 -36.95 -5.44
CA VAL E 49 21.29 -35.84 -6.38
C VAL E 49 20.60 -34.67 -5.70
N ILE E 50 21.25 -33.50 -5.74
CA ILE E 50 20.75 -32.30 -5.08
C ILE E 50 20.61 -31.22 -6.14
N GLU E 51 19.35 -30.85 -6.44
CA GLU E 51 19.10 -29.87 -7.47
C GLU E 51 17.77 -29.18 -7.20
N GLY E 52 17.65 -27.96 -7.72
CA GLY E 52 16.40 -27.20 -7.59
C GLY E 52 16.04 -26.97 -6.13
N GLU E 53 14.84 -27.43 -5.75
CA GLU E 53 14.41 -27.32 -4.37
C GLU E 53 15.31 -28.09 -3.42
N GLY E 54 16.01 -29.11 -3.92
CA GLY E 54 16.93 -29.86 -3.09
C GLY E 54 18.09 -29.03 -2.59
N ARG E 55 18.47 -27.99 -3.34
CA ARG E 55 19.53 -27.09 -2.88
C ARG E 55 19.09 -26.31 -1.65
N ASP E 56 17.82 -25.86 -1.64
CA ASP E 56 17.30 -25.15 -0.47
C ASP E 56 17.24 -26.07 0.74
N ARG E 57 16.79 -27.31 0.55
CA ARG E 57 16.76 -28.26 1.67
C ARG E 57 18.17 -28.59 2.13
N PHE E 58 19.10 -28.79 1.20
CA PHE E 58 20.50 -28.98 1.56
C PHE E 58 21.04 -27.77 2.30
N SER E 59 20.67 -26.56 1.85
CA SER E 59 21.11 -25.34 2.51
C SER E 59 20.67 -25.29 3.96
N ALA E 60 19.42 -25.68 4.23
CA ALA E 60 18.91 -25.64 5.60
C ALA E 60 19.59 -26.69 6.47
N VAL E 61 19.88 -27.86 5.90
CA VAL E 61 20.56 -28.90 6.66
C VAL E 61 21.98 -28.46 7.01
N LEU E 62 22.69 -27.87 6.04
CA LEU E 62 24.05 -27.40 6.31
C LEU E 62 24.06 -26.27 7.31
N GLU E 63 23.08 -25.35 7.23
CA GLU E 63 23.00 -24.26 8.19
C GLU E 63 22.70 -24.76 9.58
N GLN E 64 21.82 -25.76 9.71
CA GLN E 64 21.56 -26.36 11.02
C GLN E 64 22.81 -27.06 11.55
N GLY E 65 23.51 -27.80 10.68
CA GLY E 65 24.73 -28.46 11.12
C GLY E 65 25.79 -27.46 11.57
N ALA E 66 25.89 -26.33 10.87
CA ALA E 66 26.86 -25.31 11.27
C ALA E 66 26.49 -24.70 12.62
N VAL E 67 25.19 -24.49 12.86
CA VAL E 67 24.74 -23.99 14.16
C VAL E 67 25.06 -24.99 15.26
N ALA E 68 24.66 -26.25 15.07
CA ALA E 68 24.90 -27.27 16.08
C ALA E 68 26.39 -27.50 16.31
N ALA E 69 27.21 -27.30 15.28
CA ALA E 69 28.65 -27.42 15.46
C ALA E 69 29.19 -26.31 16.36
N GLY E 70 28.66 -25.10 16.21
CA GLY E 70 29.11 -23.98 17.01
C GLY E 70 29.87 -22.95 16.19
N GLY E 71 29.51 -22.78 14.93
CA GLY E 71 30.15 -21.77 14.11
C GLY E 71 29.61 -20.37 14.37
N ASP E 72 30.41 -19.38 14.00
CA ASP E 72 29.98 -17.99 14.12
C ASP E 72 29.05 -17.64 12.96
N GLU E 73 28.51 -16.41 13.00
CA GLU E 73 27.50 -16.01 12.02
C GLU E 73 28.02 -16.14 10.59
N LYS E 74 29.31 -15.85 10.37
CA LYS E 74 29.89 -16.00 9.04
C LYS E 74 29.85 -17.46 8.61
N ALA E 75 30.30 -18.37 9.47
CA ALA E 75 30.25 -19.79 9.14
C ALA E 75 28.82 -20.29 8.96
N ILE E 76 27.87 -19.71 9.71
CA ILE E 76 26.47 -20.09 9.55
C ILE E 76 25.98 -19.73 8.14
N GLU E 77 26.14 -18.46 7.76
CA GLU E 77 25.62 -18.02 6.47
C GLU E 77 26.41 -18.65 5.33
N LYS E 78 27.72 -18.81 5.49
CA LYS E 78 28.53 -19.46 4.48
C LYS E 78 28.07 -20.89 4.26
N ALA E 79 27.72 -21.59 5.34
CA ALA E 79 27.15 -22.93 5.22
C ALA E 79 25.79 -22.89 4.54
N ARG E 80 24.98 -21.88 4.86
CA ARG E 80 23.67 -21.77 4.25
C ARG E 80 23.77 -21.43 2.77
N ASN E 81 24.74 -20.60 2.39
CA ASN E 81 24.93 -20.24 1.00
C ASN E 81 25.73 -21.25 0.21
N ALA E 82 26.28 -22.28 0.87
CA ALA E 82 27.17 -23.21 0.20
C ALA E 82 26.54 -23.93 -1.00
N PRO E 83 25.32 -24.48 -0.91
CA PRO E 83 24.78 -25.22 -2.07
C PRO E 83 24.54 -24.36 -3.30
N PHE E 84 24.50 -23.03 -3.17
CA PHE E 84 24.18 -22.17 -4.31
C PHE E 84 25.39 -21.74 -5.11
N ARG E 85 26.54 -22.42 -4.93
CA ARG E 85 27.71 -22.24 -5.77
C ARG E 85 27.71 -23.14 -7.00
N ALA E 86 26.67 -23.95 -7.19
CA ALA E 86 26.54 -24.78 -8.38
C ALA E 86 25.07 -25.12 -8.56
N PRO E 87 24.62 -25.38 -9.80
CA PRO E 87 23.24 -25.81 -10.00
C PRO E 87 22.98 -27.27 -9.66
N LEU E 88 24.03 -28.05 -9.36
CA LEU E 88 23.87 -29.46 -9.04
C LEU E 88 24.95 -29.88 -8.05
N ILE E 89 24.55 -30.68 -7.06
CA ILE E 89 25.47 -31.31 -6.11
C ILE E 89 25.10 -32.78 -6.02
N ILE E 90 26.10 -33.65 -6.10
CA ILE E 90 25.92 -35.07 -5.82
C ILE E 90 26.72 -35.41 -4.57
N THR E 91 26.03 -35.88 -3.54
CA THR E 91 26.68 -36.29 -2.31
C THR E 91 26.91 -37.79 -2.34
N VAL E 92 28.15 -38.20 -2.07
CA VAL E 92 28.52 -39.61 -2.09
C VAL E 92 28.70 -40.07 -0.67
N VAL E 93 27.95 -41.11 -0.29
CA VAL E 93 28.06 -41.75 1.01
C VAL E 93 28.69 -43.12 0.81
N ALA E 94 29.78 -43.38 1.52
CA ALA E 94 30.34 -44.72 1.56
C ALA E 94 29.46 -45.58 2.45
N LYS E 95 28.70 -46.49 1.82
CA LYS E 95 27.77 -47.35 2.55
C LYS E 95 28.52 -48.62 2.92
N CYS E 96 29.22 -48.57 4.05
CA CYS E 96 30.16 -49.61 4.41
C CYS E 96 29.49 -50.70 5.24
N GLU E 97 30.00 -51.92 5.09
CA GLU E 97 29.53 -53.05 5.85
C GLU E 97 30.72 -53.77 6.46
N GLU E 98 30.60 -54.17 7.71
CA GLU E 98 31.63 -55.02 8.29
C GLU E 98 31.73 -56.29 7.47
N ASN E 99 32.69 -56.31 6.54
CA ASN E 99 32.92 -57.45 5.69
C ASN E 99 34.36 -57.95 5.88
N HIS E 100 34.58 -59.17 5.42
CA HIS E 100 35.63 -60.05 5.95
C HIS E 100 36.90 -60.02 5.10
N LYS E 101 36.79 -60.28 3.80
CA LYS E 101 37.92 -60.11 2.91
C LYS E 101 38.16 -58.65 2.59
N VAL E 102 37.15 -57.79 2.83
CA VAL E 102 37.18 -56.41 2.41
C VAL E 102 37.09 -55.50 3.64
N PRO E 103 38.20 -54.90 4.06
CA PRO E 103 38.16 -53.90 5.13
C PRO E 103 37.34 -52.69 4.71
N VAL E 104 36.90 -51.93 5.71
CA VAL E 104 36.07 -50.75 5.44
C VAL E 104 36.81 -49.74 4.59
N TRP E 105 38.12 -49.59 4.80
CA TRP E 105 38.86 -48.59 4.03
C TRP E 105 38.82 -48.87 2.53
N GLU E 106 38.78 -50.14 2.13
CA GLU E 106 38.68 -50.46 0.72
C GLU E 106 37.32 -50.05 0.15
N GLN E 107 36.26 -50.18 0.95
CA GLN E 107 34.95 -49.73 0.50
C GLN E 107 34.87 -48.20 0.45
N GLU E 108 35.58 -47.51 1.36
CA GLU E 108 35.63 -46.06 1.30
C GLU E 108 36.41 -45.58 0.08
N MET E 109 37.48 -46.30 -0.29
CA MET E 109 38.21 -45.97 -1.50
C MET E 109 37.32 -46.05 -2.73
N SER E 110 36.46 -47.07 -2.78
CA SER E 110 35.57 -47.23 -3.93
C SER E 110 34.61 -46.04 -4.04
N ALA E 111 34.07 -45.58 -2.91
CA ALA E 111 33.17 -44.44 -2.95
C ALA E 111 33.91 -43.16 -3.32
N GLY E 112 35.14 -43.00 -2.85
CA GLY E 112 35.94 -41.86 -3.24
C GLY E 112 36.25 -41.83 -4.72
N CYS E 113 36.59 -42.99 -5.29
CA CYS E 113 36.78 -43.08 -6.74
C CYS E 113 35.51 -42.70 -7.49
N ALA E 114 34.34 -43.02 -6.90
CA ALA E 114 33.08 -42.68 -7.56
C ALA E 114 32.95 -41.17 -7.71
N VAL E 115 33.40 -40.40 -6.72
CA VAL E 115 33.36 -38.94 -6.85
C VAL E 115 34.18 -38.51 -8.06
N MET E 116 35.44 -38.93 -8.12
CA MET E 116 36.32 -38.49 -9.22
C MET E 116 35.78 -38.94 -10.57
N ALA E 117 35.30 -40.19 -10.65
CA ALA E 117 34.73 -40.69 -11.89
C ALA E 117 33.55 -39.84 -12.35
N MET E 118 32.69 -39.44 -11.41
CA MET E 118 31.55 -38.60 -11.77
C MET E 118 31.98 -37.24 -12.28
N GLN E 119 32.98 -36.62 -11.63
CA GLN E 119 33.45 -35.33 -12.09
C GLN E 119 34.11 -35.45 -13.46
N MET E 120 34.84 -36.54 -13.69
CA MET E 120 35.43 -36.76 -15.01
C MET E 120 34.36 -36.95 -16.07
N ALA E 121 33.29 -37.69 -15.73
CA ALA E 121 32.19 -37.86 -16.68
C ALA E 121 31.50 -36.53 -16.96
N ALA E 122 31.43 -35.65 -15.96
CA ALA E 122 30.91 -34.31 -16.19
C ALA E 122 31.80 -33.53 -17.15
N ILE E 123 33.11 -33.57 -16.92
CA ILE E 123 34.05 -32.92 -17.82
C ILE E 123 33.91 -33.48 -19.23
N ALA E 124 33.76 -34.80 -19.35
CA ALA E 124 33.70 -35.42 -20.67
C ALA E 124 32.50 -34.95 -21.48
N GLN E 125 31.46 -34.45 -20.82
CA GLN E 125 30.24 -34.04 -21.50
C GLN E 125 30.10 -32.52 -21.58
N GLY E 126 31.18 -31.78 -21.37
CA GLY E 126 31.16 -30.34 -21.48
C GLY E 126 30.85 -29.58 -20.21
N PHE E 127 30.82 -30.25 -19.07
CA PHE E 127 30.61 -29.61 -17.78
C PHE E 127 31.91 -29.66 -16.99
N ASN E 128 31.83 -29.37 -15.70
CA ASN E 128 32.96 -29.52 -14.79
C ASN E 128 32.43 -29.42 -13.36
N GLY E 129 33.34 -29.41 -12.40
CA GLY E 129 32.93 -29.32 -11.02
C GLY E 129 34.12 -29.43 -10.09
N ILE E 130 33.81 -29.49 -8.80
CA ILE E 130 34.85 -29.55 -7.77
C ILE E 130 34.38 -30.48 -6.67
N TRP E 131 35.32 -31.30 -6.19
CA TRP E 131 35.10 -32.21 -5.07
C TRP E 131 35.36 -31.45 -3.78
N ARG E 132 34.32 -31.26 -2.97
CA ARG E 132 34.43 -30.51 -1.72
C ARG E 132 34.08 -31.40 -0.54
N SER E 133 34.59 -31.02 0.63
CA SER E 133 34.29 -31.76 1.84
C SER E 133 34.05 -30.79 2.99
N GLY E 134 35.09 -30.46 3.73
CA GLY E 134 34.96 -29.58 4.86
C GLY E 134 34.43 -30.29 6.09
N ALA E 135 34.40 -29.55 7.20
CA ALA E 135 34.03 -30.14 8.48
C ALA E 135 32.57 -30.57 8.54
N LEU E 136 31.71 -30.01 7.68
CA LEU E 136 30.30 -30.36 7.73
C LEU E 136 30.02 -31.79 7.27
N THR E 137 31.00 -32.46 6.65
CA THR E 137 30.83 -33.87 6.32
C THR E 137 30.70 -34.74 7.56
N GLU E 138 31.21 -34.28 8.70
CA GLU E 138 31.15 -35.01 9.95
C GLU E 138 30.07 -34.49 10.89
N SER E 139 29.28 -33.52 10.46
CA SER E 139 28.18 -33.02 11.27
C SER E 139 27.12 -34.09 11.44
N ALA E 140 26.65 -34.27 12.68
CA ALA E 140 25.64 -35.30 12.95
C ALA E 140 24.35 -35.02 12.21
N ILE E 141 23.95 -33.74 12.14
CA ILE E 141 22.72 -33.39 11.45
C ILE E 141 22.86 -33.61 9.95
N VAL E 142 24.02 -33.27 9.39
CA VAL E 142 24.24 -33.46 7.96
C VAL E 142 24.28 -34.95 7.62
N ARG E 143 25.01 -35.73 8.43
CA ARG E 143 25.06 -37.17 8.21
C ARG E 143 23.67 -37.80 8.30
N GLU E 144 22.88 -37.37 9.30
CA GLU E 144 21.52 -37.88 9.45
C GLU E 144 20.69 -37.62 8.20
N ALA E 145 20.84 -36.44 7.61
CA ALA E 145 20.05 -36.09 6.43
C ALA E 145 20.38 -36.99 5.25
N PHE E 146 21.63 -37.47 5.17
CA PHE E 146 22.04 -38.40 4.13
C PHE E 146 22.01 -39.84 4.61
N GLU E 147 21.26 -40.13 5.68
CA GLU E 147 20.98 -41.50 6.11
C GLU E 147 22.25 -42.27 6.46
N CYS E 148 23.19 -41.58 7.09
CA CYS E 148 24.47 -42.19 7.46
C CYS E 148 24.33 -42.95 8.76
N ARG E 149 24.51 -44.27 8.69
CA ARG E 149 24.74 -45.06 9.90
C ARG E 149 26.11 -44.70 10.44
N PRO E 150 26.38 -45.01 11.72
CA PRO E 150 27.68 -44.64 12.30
C PRO E 150 28.87 -45.17 11.51
N GLN E 151 28.73 -46.30 10.84
CA GLN E 151 29.79 -46.85 10.01
C GLN E 151 29.81 -46.28 8.60
N ASP E 152 28.86 -45.41 8.27
CA ASP E 152 28.84 -44.77 6.96
C ASP E 152 29.60 -43.45 7.00
N LYS E 153 30.03 -43.00 5.82
CA LYS E 153 30.87 -41.83 5.74
C LYS E 153 30.49 -41.00 4.53
N ILE E 154 30.34 -39.69 4.72
CA ILE E 154 30.17 -38.76 3.61
C ILE E 154 31.55 -38.56 3.00
N VAL E 155 31.72 -39.03 1.77
CA VAL E 155 33.03 -38.99 1.11
C VAL E 155 33.27 -37.67 0.35
N GLY E 156 32.22 -37.01 -0.09
CA GLY E 156 32.40 -35.74 -0.78
C GLY E 156 31.08 -35.11 -1.14
N PHE E 157 31.12 -33.79 -1.30
CA PHE E 157 30.04 -33.01 -1.88
C PHE E 157 30.54 -32.56 -3.26
N LEU E 158 30.04 -33.22 -4.31
CA LEU E 158 30.52 -32.94 -5.67
C LEU E 158 29.64 -31.87 -6.30
N TYR E 159 30.15 -30.65 -6.38
CA TYR E 159 29.46 -29.56 -7.07
C TYR E 159 29.68 -29.71 -8.57
N LEU E 160 28.61 -29.56 -9.35
CA LEU E 160 28.67 -29.75 -10.80
C LEU E 160 27.88 -28.67 -11.50
N GLY E 161 28.30 -28.35 -12.72
CA GLY E 161 27.60 -27.36 -13.52
C GLY E 161 28.43 -26.96 -14.73
N THR E 162 28.05 -25.85 -15.33
CA THR E 162 28.73 -25.34 -16.52
C THR E 162 29.82 -24.36 -16.11
N PRO E 163 31.08 -24.63 -16.42
CA PRO E 163 32.16 -23.73 -15.98
C PRO E 163 32.14 -22.42 -16.76
N GLN E 164 32.63 -21.38 -16.10
CA GLN E 164 32.65 -20.04 -16.68
C GLN E 164 34.07 -19.54 -16.90
N PRO E 174 53.91 -31.38 -16.24
CA PRO E 174 53.49 -32.69 -15.73
C PRO E 174 54.66 -33.66 -15.60
N ASP E 175 55.38 -33.58 -14.48
CA ASP E 175 56.55 -34.43 -14.25
C ASP E 175 56.33 -35.26 -12.99
N PRO E 176 56.22 -36.59 -13.10
CA PRO E 176 56.02 -37.44 -11.92
C PRO E 176 57.30 -37.87 -11.22
N THR E 177 58.45 -37.33 -11.59
CA THR E 177 59.73 -37.73 -11.01
C THR E 177 59.78 -37.67 -9.49
N PRO E 178 59.29 -36.62 -8.82
CA PRO E 178 59.42 -36.58 -7.35
C PRO E 178 58.63 -37.66 -6.62
N PHE E 179 57.66 -38.29 -7.26
CA PHE E 179 56.78 -39.25 -6.59
C PHE E 179 57.02 -40.69 -7.02
N VAL E 180 57.90 -40.93 -7.98
CA VAL E 180 58.10 -42.25 -8.55
C VAL E 180 59.34 -42.88 -7.93
N ARG E 181 59.20 -44.11 -7.45
CA ARG E 181 60.33 -44.91 -6.99
C ARG E 181 60.34 -46.23 -7.76
N TYR E 182 61.53 -46.81 -7.89
CA TYR E 182 61.69 -48.08 -8.58
C TYR E 182 62.06 -49.14 -7.54
N PHE E 183 61.17 -50.10 -7.36
CA PHE E 183 61.33 -51.11 -6.31
C PHE E 183 62.47 -52.06 -6.65
N MET F 1 40.65 -43.40 -27.77
CA MET F 1 39.55 -43.87 -26.94
C MET F 1 38.74 -42.68 -26.41
N ASP F 2 37.41 -42.84 -26.38
CA ASP F 2 36.54 -41.76 -25.94
C ASP F 2 36.47 -41.72 -24.41
N ALA F 3 36.53 -40.51 -23.86
CA ALA F 3 36.59 -40.36 -22.40
C ALA F 3 35.32 -40.90 -21.75
N LEU F 4 34.15 -40.46 -22.23
CA LEU F 4 32.89 -40.87 -21.60
C LEU F 4 32.68 -42.38 -21.72
N GLU F 5 32.95 -42.95 -22.89
CA GLU F 5 32.75 -44.38 -23.08
C GLU F 5 33.62 -45.19 -22.12
N LEU F 6 34.86 -44.76 -21.90
CA LEU F 6 35.71 -45.46 -20.95
C LEU F 6 35.14 -45.36 -19.53
N LEU F 7 34.71 -44.17 -19.14
CA LEU F 7 34.16 -43.98 -17.79
C LEU F 7 32.94 -44.85 -17.56
N VAL F 8 32.08 -44.99 -18.56
CA VAL F 8 30.85 -45.74 -18.40
C VAL F 8 31.09 -47.25 -18.56
N ASN F 9 32.13 -47.65 -19.31
CA ASN F 9 32.35 -49.05 -19.62
C ASN F 9 33.60 -49.63 -18.96
N ARG F 10 34.22 -48.91 -18.03
CA ARG F 10 35.50 -49.35 -17.47
C ARG F 10 35.39 -50.76 -16.90
N ARG F 11 36.35 -51.61 -17.26
CA ARG F 11 36.42 -52.98 -16.79
C ARG F 11 37.88 -53.35 -16.53
N SER F 12 38.11 -54.09 -15.45
CA SER F 12 39.44 -54.54 -15.11
C SER F 12 39.75 -55.85 -15.84
N ALA F 13 41.03 -56.21 -15.84
CA ALA F 13 41.48 -57.48 -16.41
C ALA F 13 42.53 -58.09 -15.48
N SER F 14 42.31 -59.34 -15.09
CA SER F 14 43.25 -60.03 -14.21
C SER F 14 44.25 -60.90 -14.95
N ARG F 15 43.98 -61.21 -16.22
CA ARG F 15 44.87 -62.03 -17.03
C ARG F 15 45.70 -61.08 -17.89
N LEU F 16 46.94 -60.85 -17.46
CA LEU F 16 47.81 -59.85 -18.06
C LEU F 16 49.11 -60.50 -18.49
N ALA F 17 49.66 -60.04 -19.61
CA ALA F 17 50.89 -60.59 -20.17
C ALA F 17 51.74 -59.47 -20.75
N GLU F 18 52.96 -59.84 -21.12
CA GLU F 18 53.81 -58.94 -21.88
C GLU F 18 53.13 -58.56 -23.19
N PRO F 19 53.33 -57.33 -23.68
CA PRO F 19 54.19 -56.31 -23.06
C PRO F 19 53.52 -55.48 -21.96
N ALA F 20 54.32 -55.09 -20.98
CA ALA F 20 53.90 -54.09 -20.02
C ALA F 20 53.96 -52.71 -20.66
N PRO F 21 53.24 -51.73 -20.11
CA PRO F 21 53.45 -50.36 -20.56
C PRO F 21 54.85 -49.90 -20.18
N VAL F 22 55.55 -49.30 -21.14
CA VAL F 22 56.92 -48.85 -20.94
C VAL F 22 57.09 -47.50 -21.61
N GLY F 23 58.16 -46.79 -21.23
CA GLY F 23 58.47 -45.52 -21.85
C GLY F 23 57.36 -44.50 -21.64
N GLU F 24 56.95 -43.85 -22.74
CA GLU F 24 55.93 -42.81 -22.64
C GLU F 24 54.59 -43.37 -22.19
N GLN F 25 54.30 -44.64 -22.52
CA GLN F 25 53.08 -45.28 -22.02
C GLN F 25 53.08 -45.31 -20.49
N LEU F 26 54.18 -45.77 -19.91
CA LEU F 26 54.29 -45.80 -18.46
C LEU F 26 54.28 -44.39 -17.88
N GLN F 27 54.99 -43.46 -18.53
CA GLN F 27 55.00 -42.09 -18.02
C GLN F 27 53.63 -41.45 -18.07
N ASN F 28 52.82 -41.79 -19.06
CA ASN F 28 51.46 -41.25 -19.13
C ASN F 28 50.59 -41.81 -18.02
N ILE F 29 50.78 -43.09 -17.68
CA ILE F 29 50.07 -43.68 -16.54
C ILE F 29 50.42 -42.95 -15.26
N LEU F 30 51.72 -42.68 -15.05
CA LEU F 30 52.13 -42.00 -13.83
C LEU F 30 51.63 -40.56 -13.81
N ARG F 31 51.59 -39.91 -14.98
CA ARG F 31 51.04 -38.56 -15.07
C ARG F 31 49.56 -38.54 -14.69
N ALA F 32 48.81 -39.56 -15.11
CA ALA F 32 47.40 -39.64 -14.71
C ALA F 32 47.27 -39.78 -13.20
N GLY F 33 48.16 -40.56 -12.58
CA GLY F 33 48.07 -40.74 -11.14
C GLY F 33 48.31 -39.46 -10.36
N MET F 34 49.20 -38.61 -10.86
CA MET F 34 49.53 -37.37 -10.17
C MET F 34 48.57 -36.24 -10.46
N ARG F 35 47.54 -36.46 -11.28
N ARG F 35 47.55 -36.46 -11.28
CA ARG F 35 46.59 -35.40 -11.63
CA ARG F 35 46.58 -35.45 -11.66
C ARG F 35 45.31 -35.49 -10.83
C ARG F 35 45.24 -35.63 -10.95
N VAL F 36 45.20 -36.43 -9.89
CA VAL F 36 43.97 -36.70 -9.16
C VAL F 36 43.61 -35.54 -8.24
N PRO F 37 42.35 -35.41 -7.85
CA PRO F 37 41.99 -34.40 -6.85
C PRO F 37 42.85 -34.55 -5.60
N ASP F 38 43.11 -33.42 -4.95
CA ASP F 38 44.13 -33.36 -3.91
C ASP F 38 43.84 -32.11 -3.08
N HIS F 39 43.23 -32.29 -1.92
CA HIS F 39 42.84 -31.17 -1.08
C HIS F 39 44.08 -30.46 -0.55
N LYS F 40 44.20 -29.17 -0.85
CA LYS F 40 45.33 -28.31 -0.47
C LYS F 40 46.65 -28.76 -1.10
N SER F 41 46.58 -29.55 -2.17
CA SER F 41 47.73 -29.85 -3.03
C SER F 41 48.89 -30.45 -2.22
N LEU F 42 48.57 -31.44 -1.39
CA LEU F 42 49.60 -32.09 -0.58
C LEU F 42 50.40 -33.11 -1.37
N GLN F 43 49.91 -33.52 -2.54
CA GLN F 43 50.51 -34.62 -3.31
C GLN F 43 50.86 -35.80 -2.41
N PRO F 44 49.88 -36.38 -1.70
CA PRO F 44 50.17 -37.36 -0.64
C PRO F 44 50.28 -38.79 -1.16
N TRP F 45 51.15 -39.01 -2.13
CA TRP F 45 51.29 -40.35 -2.67
C TRP F 45 52.71 -40.60 -3.14
N ARG F 46 53.08 -41.88 -3.21
N ARG F 46 53.08 -41.88 -3.16
CA ARG F 46 54.31 -42.32 -3.82
CA ARG F 46 54.30 -42.35 -3.79
C ARG F 46 54.05 -43.59 -4.61
C ARG F 46 53.94 -43.56 -4.65
N PHE F 47 54.50 -43.60 -5.86
CA PHE F 47 54.23 -44.70 -6.80
C PHE F 47 55.49 -45.53 -6.95
N PHE F 48 55.42 -46.81 -6.59
CA PHE F 48 56.55 -47.73 -6.69
C PHE F 48 56.38 -48.59 -7.93
N VAL F 49 57.27 -48.41 -8.90
CA VAL F 49 57.24 -49.19 -10.13
C VAL F 49 57.94 -50.52 -9.89
N ILE F 50 57.23 -51.62 -10.15
CA ILE F 50 57.74 -52.98 -9.90
C ILE F 50 57.78 -53.71 -11.24
N GLU F 51 58.99 -54.01 -11.71
CA GLU F 51 59.17 -54.70 -12.98
C GLU F 51 60.56 -55.33 -13.00
N GLY F 52 60.71 -56.36 -13.84
CA GLY F 52 61.99 -57.03 -13.95
C GLY F 52 62.41 -57.65 -12.63
N GLU F 53 63.67 -57.43 -12.25
CA GLU F 53 64.19 -57.92 -10.98
C GLU F 53 63.38 -57.40 -9.79
N GLY F 54 62.71 -56.26 -9.94
CA GLY F 54 61.85 -55.77 -8.87
C GLY F 54 60.71 -56.71 -8.55
N ARG F 55 60.23 -57.47 -9.54
CA ARG F 55 59.20 -58.47 -9.26
C ARG F 55 59.73 -59.57 -8.35
N ASP F 56 60.98 -59.99 -8.58
CA ASP F 56 61.59 -60.98 -7.69
C ASP F 56 61.77 -60.41 -6.28
N ARG F 57 62.15 -59.14 -6.17
N ARG F 57 62.17 -59.14 -6.18
CA ARG F 57 62.25 -58.53 -4.86
CA ARG F 57 62.25 -58.49 -4.88
C ARG F 57 60.89 -58.40 -4.20
C ARG F 57 60.89 -58.43 -4.22
N PHE F 58 59.86 -58.06 -4.99
CA PHE F 58 58.50 -58.02 -4.47
C PHE F 58 58.03 -59.40 -4.01
N SER F 59 58.37 -60.44 -4.78
CA SER F 59 57.98 -61.80 -4.44
C SER F 59 58.56 -62.24 -3.09
N ALA F 60 59.80 -61.85 -2.82
CA ALA F 60 60.43 -62.22 -1.56
C ALA F 60 59.78 -61.51 -0.37
N VAL F 61 59.49 -60.22 -0.53
CA VAL F 61 58.86 -59.46 0.54
C VAL F 61 57.48 -60.02 0.85
N LEU F 62 56.69 -60.31 -0.19
CA LEU F 62 55.36 -60.87 0.02
C LEU F 62 55.41 -62.26 0.65
N GLU F 63 56.36 -63.09 0.22
CA GLU F 63 56.51 -64.42 0.83
C GLU F 63 56.88 -64.29 2.30
N GLN F 64 57.82 -63.39 2.62
CA GLN F 64 58.17 -63.11 4.00
C GLN F 64 56.94 -62.68 4.80
N GLY F 65 56.14 -61.78 4.23
CA GLY F 65 54.97 -61.30 4.94
C GLY F 65 53.95 -62.39 5.19
N ALA F 66 53.78 -63.29 4.22
CA ALA F 66 52.82 -64.38 4.36
C ALA F 66 53.24 -65.36 5.44
N VAL F 67 54.55 -65.67 5.51
CA VAL F 67 55.05 -66.53 6.58
C VAL F 67 54.82 -65.87 7.94
N ALA F 68 55.22 -64.61 8.06
CA ALA F 68 55.05 -63.90 9.32
C ALA F 68 53.58 -63.78 9.72
N ALA F 69 52.67 -63.78 8.75
CA ALA F 69 51.24 -63.73 9.04
C ALA F 69 50.67 -65.08 9.45
N GLY F 70 51.48 -66.13 9.45
CA GLY F 70 51.01 -67.44 9.87
C GLY F 70 50.25 -68.22 8.82
N GLY F 71 50.52 -67.98 7.54
CA GLY F 71 49.82 -68.68 6.49
C GLY F 71 50.31 -70.12 6.32
N ASP F 72 49.43 -70.95 5.78
CA ASP F 72 49.80 -72.33 5.48
C ASP F 72 50.60 -72.37 4.17
N GLU F 73 50.97 -73.59 3.75
CA GLU F 73 51.90 -73.72 2.63
C GLU F 73 51.34 -73.12 1.35
N LYS F 74 50.04 -73.30 1.09
CA LYS F 74 49.47 -72.77 -0.14
C LYS F 74 49.36 -71.25 -0.10
N ALA F 75 49.09 -70.66 1.06
CA ALA F 75 49.06 -69.21 1.17
C ALA F 75 50.46 -68.62 1.00
N ILE F 76 51.49 -69.32 1.47
CA ILE F 76 52.86 -68.85 1.31
C ILE F 76 53.28 -68.91 -0.15
N GLU F 77 52.95 -70.01 -0.83
CA GLU F 77 53.31 -70.13 -2.24
C GLU F 77 52.56 -69.12 -3.09
N LYS F 78 51.27 -68.93 -2.79
CA LYS F 78 50.47 -67.93 -3.49
C LYS F 78 51.11 -66.55 -3.41
N ALA F 79 51.61 -66.19 -2.22
CA ALA F 79 52.24 -64.89 -2.04
C ALA F 79 53.55 -64.80 -2.82
N ARG F 80 54.34 -65.88 -2.82
CA ARG F 80 55.58 -65.88 -3.58
C ARG F 80 55.32 -65.68 -5.07
N ASN F 81 54.26 -66.31 -5.59
CA ASN F 81 53.95 -66.25 -7.02
C ASN F 81 53.07 -65.07 -7.40
N ALA F 82 52.59 -64.29 -6.43
CA ALA F 82 51.66 -63.20 -6.73
C ALA F 82 52.20 -62.18 -7.72
N PRO F 83 53.42 -61.66 -7.58
CA PRO F 83 53.87 -60.63 -8.52
C PRO F 83 53.99 -61.11 -9.97
N PHE F 84 54.03 -62.42 -10.19
CA PHE F 84 54.26 -62.94 -11.54
C PHE F 84 52.97 -63.08 -12.33
N ARG F 85 51.88 -62.49 -11.85
CA ARG F 85 50.62 -62.44 -12.57
C ARG F 85 50.53 -61.23 -13.50
N ALA F 86 51.57 -60.42 -13.58
CA ALA F 86 51.59 -59.28 -14.50
C ALA F 86 53.04 -58.93 -14.79
N PRO F 87 53.33 -58.36 -15.96
CA PRO F 87 54.69 -57.87 -16.23
C PRO F 87 55.04 -56.62 -15.44
N LEU F 88 54.05 -55.92 -14.89
CA LEU F 88 54.31 -54.69 -14.14
C LEU F 88 53.32 -54.57 -13.00
N ILE F 89 53.79 -54.08 -11.86
CA ILE F 89 52.94 -53.70 -10.74
C ILE F 89 53.35 -52.30 -10.31
N ILE F 90 52.36 -51.46 -10.02
CA ILE F 90 52.60 -50.16 -9.40
C ILE F 90 51.97 -50.20 -8.02
N THR F 91 52.80 -50.07 -6.99
CA THR F 91 52.30 -50.00 -5.61
C THR F 91 52.13 -48.55 -5.21
N VAL F 92 50.94 -48.21 -4.74
CA VAL F 92 50.59 -46.83 -4.40
C VAL F 92 50.55 -46.73 -2.88
N VAL F 93 51.37 -45.84 -2.33
CA VAL F 93 51.41 -45.56 -0.90
C VAL F 93 50.80 -44.19 -0.67
N ALA F 94 49.82 -44.11 0.23
CA ALA F 94 49.32 -42.83 0.69
C ALA F 94 50.34 -42.24 1.66
N LYS F 95 51.02 -41.18 1.23
CA LYS F 95 52.08 -40.53 2.01
C LYS F 95 51.44 -39.35 2.73
N CYS F 96 51.01 -39.59 3.95
CA CYS F 96 50.08 -38.69 4.64
C CYS F 96 50.79 -37.75 5.60
N GLU F 97 50.24 -36.53 5.70
CA GLU F 97 50.63 -35.56 6.71
C GLU F 97 49.66 -35.68 7.87
N GLU F 98 50.17 -36.03 9.03
CA GLU F 98 49.33 -36.18 10.22
C GLU F 98 49.12 -34.84 10.89
N ASN F 99 47.93 -34.69 11.50
CA ASN F 99 47.55 -33.46 12.21
C ASN F 99 47.63 -32.24 11.29
N HIS F 100 47.06 -32.39 10.10
CA HIS F 100 46.98 -31.35 9.09
C HIS F 100 45.56 -30.81 9.03
N LYS F 101 45.41 -29.64 8.43
CA LYS F 101 44.06 -29.14 8.15
C LYS F 101 43.26 -30.14 7.33
N VAL F 102 43.91 -30.78 6.36
CA VAL F 102 43.33 -31.88 5.59
C VAL F 102 43.45 -33.15 6.41
N PRO F 103 42.36 -33.79 6.80
CA PRO F 103 42.48 -35.03 7.58
C PRO F 103 43.08 -36.14 6.74
N VAL F 104 43.57 -37.18 7.43
CA VAL F 104 44.29 -38.25 6.76
C VAL F 104 43.41 -38.95 5.74
N TRP F 105 42.11 -39.11 6.02
CA TRP F 105 41.26 -39.90 5.13
C TRP F 105 41.12 -39.25 3.76
N GLU F 106 41.14 -37.91 3.68
CA GLU F 106 41.08 -37.25 2.38
C GLU F 106 42.37 -37.43 1.60
N GLN F 107 43.51 -37.54 2.30
CA GLN F 107 44.77 -37.81 1.62
C GLN F 107 44.81 -39.24 1.10
N GLU F 108 44.33 -40.19 1.92
CA GLU F 108 44.21 -41.58 1.45
C GLU F 108 43.25 -41.68 0.27
N MET F 109 42.17 -40.90 0.29
CA MET F 109 41.23 -40.88 -0.82
C MET F 109 41.93 -40.46 -2.11
N SER F 110 42.78 -39.44 -2.02
CA SER F 110 43.54 -38.98 -3.19
C SER F 110 44.44 -40.09 -3.72
N ALA F 111 45.10 -40.84 -2.83
CA ALA F 111 45.97 -41.92 -3.27
C ALA F 111 45.19 -43.05 -3.90
N GLY F 112 43.99 -43.34 -3.36
CA GLY F 112 43.14 -44.35 -3.99
C GLY F 112 42.70 -43.95 -5.37
N CYS F 113 42.32 -42.67 -5.54
CA CYS F 113 41.97 -42.18 -6.86
C CYS F 113 43.13 -42.33 -7.83
N ALA F 114 44.37 -42.18 -7.34
CA ALA F 114 45.54 -42.36 -8.20
C ALA F 114 45.59 -43.77 -8.78
N VAL F 115 45.25 -44.79 -7.98
CA VAL F 115 45.25 -46.16 -8.49
C VAL F 115 44.29 -46.28 -9.67
N MET F 116 43.06 -45.82 -9.51
CA MET F 116 42.08 -45.98 -10.58
C MET F 116 42.44 -45.16 -11.80
N ALA F 117 42.87 -43.91 -11.60
CA ALA F 117 43.30 -43.07 -12.71
C ALA F 117 44.40 -43.75 -13.51
N MET F 118 45.35 -44.38 -12.83
CA MET F 118 46.42 -45.07 -13.54
C MET F 118 45.89 -46.30 -14.27
N GLN F 119 44.97 -47.03 -13.67
CA GLN F 119 44.37 -48.17 -14.37
C GLN F 119 43.64 -47.72 -15.62
N MET F 120 42.94 -46.58 -15.54
CA MET F 120 42.25 -46.05 -16.70
C MET F 120 43.23 -45.54 -17.76
N ALA F 121 44.36 -44.96 -17.34
CA ALA F 121 45.36 -44.53 -18.31
C ALA F 121 45.97 -45.73 -19.04
N ALA F 122 46.13 -46.85 -18.33
CA ALA F 122 46.57 -48.08 -18.98
C ALA F 122 45.56 -48.52 -20.03
N ILE F 123 44.28 -48.56 -19.66
CA ILE F 123 43.23 -48.97 -20.59
C ILE F 123 43.22 -48.05 -21.81
N ALA F 124 43.36 -46.75 -21.59
CA ALA F 124 43.29 -45.80 -22.70
C ALA F 124 44.38 -46.00 -23.72
N GLN F 125 45.51 -46.61 -23.34
CA GLN F 125 46.63 -46.85 -24.23
C GLN F 125 46.71 -48.29 -24.71
N GLY F 126 45.64 -49.07 -24.52
CA GLY F 126 45.60 -50.43 -25.01
C GLY F 126 46.08 -51.49 -24.05
N PHE F 127 46.24 -51.17 -22.77
CA PHE F 127 46.59 -52.14 -21.74
C PHE F 127 45.38 -52.33 -20.83
N ASN F 128 45.61 -52.99 -19.69
CA ASN F 128 44.61 -53.09 -18.64
C ASN F 128 45.31 -53.52 -17.37
N GLY F 129 44.53 -53.73 -16.32
CA GLY F 129 45.09 -54.14 -15.05
C GLY F 129 44.01 -54.33 -14.02
N ILE F 130 44.44 -54.62 -12.81
CA ILE F 130 43.51 -54.86 -11.72
C ILE F 130 44.10 -54.32 -10.42
N TRP F 131 43.31 -53.50 -9.74
CA TRP F 131 43.61 -53.02 -8.40
C TRP F 131 43.48 -54.15 -7.39
N ARG F 132 44.57 -54.50 -6.71
CA ARG F 132 44.57 -55.57 -5.73
C ARG F 132 45.10 -55.07 -4.40
N SER F 133 44.71 -55.76 -3.32
CA SER F 133 45.20 -55.44 -2.00
C SER F 133 45.50 -56.72 -1.22
N GLY F 134 44.51 -57.24 -0.51
CA GLY F 134 44.71 -58.41 0.30
C GLY F 134 45.30 -58.06 1.65
N ALA F 135 45.40 -59.08 2.50
CA ALA F 135 45.86 -58.86 3.87
C ALA F 135 47.30 -58.34 3.94
N LEU F 136 48.09 -58.56 2.89
CA LEU F 136 49.50 -58.22 2.95
C LEU F 136 49.79 -56.73 2.80
N THR F 137 48.79 -55.90 2.48
CA THR F 137 49.01 -54.46 2.53
C THR F 137 49.23 -53.98 3.96
N GLU F 138 48.78 -54.75 4.96
CA GLU F 138 48.94 -54.42 6.36
C GLU F 138 50.12 -55.13 7.01
N SER F 139 50.82 -55.98 6.27
CA SER F 139 51.97 -56.69 6.81
C SER F 139 53.08 -55.72 7.19
N ALA F 140 53.67 -55.91 8.37
CA ALA F 140 54.75 -55.03 8.81
C ALA F 140 55.95 -55.13 7.87
N ILE F 141 56.27 -56.33 7.41
CA ILE F 141 57.40 -56.52 6.50
C ILE F 141 57.14 -55.81 5.17
N VAL F 142 55.93 -55.96 4.63
CA VAL F 142 55.63 -55.36 3.31
C VAL F 142 55.61 -53.84 3.41
N ARG F 143 55.01 -53.31 4.48
CA ARG F 143 54.98 -51.85 4.66
C ARG F 143 56.39 -51.28 4.75
N GLU F 144 57.29 -51.94 5.50
CA GLU F 144 58.65 -51.43 5.61
C GLU F 144 59.37 -51.43 4.28
N ALA F 145 59.12 -52.44 3.44
CA ALA F 145 59.74 -52.49 2.12
C ALA F 145 59.32 -51.31 1.27
N PHE F 146 58.10 -50.80 1.47
CA PHE F 146 57.62 -49.63 0.74
C PHE F 146 57.75 -48.36 1.58
N GLU F 147 58.59 -48.39 2.62
CA GLU F 147 59.01 -47.19 3.35
C GLU F 147 57.83 -46.50 4.03
N CYS F 148 56.86 -47.28 4.49
CA CYS F 148 55.69 -46.72 5.16
C CYS F 148 56.05 -46.28 6.57
N ARG F 149 55.92 -44.97 6.83
CA ARG F 149 55.89 -44.44 8.19
C ARG F 149 54.56 -44.84 8.83
N PRO F 150 54.42 -44.67 10.15
CA PRO F 150 53.14 -45.06 10.78
C PRO F 150 51.90 -44.42 10.17
N GLN F 151 52.00 -43.16 9.74
CA GLN F 151 50.88 -42.47 9.13
C GLN F 151 50.69 -42.82 7.65
N ASP F 152 51.57 -43.62 7.06
CA ASP F 152 51.45 -43.99 5.66
C ASP F 152 50.66 -45.29 5.53
N LYS F 153 50.12 -45.51 4.32
CA LYS F 153 49.21 -46.63 4.08
C LYS F 153 49.38 -47.14 2.65
N ILE F 154 49.51 -48.45 2.50
CA ILE F 154 49.51 -49.07 1.17
C ILE F 154 48.05 -49.18 0.74
N VAL F 155 47.67 -48.46 -0.32
CA VAL F 155 46.28 -48.43 -0.75
C VAL F 155 46.02 -49.35 -1.95
N GLY F 156 47.05 -49.84 -2.61
CA GLY F 156 46.83 -50.75 -3.72
C GLY F 156 48.08 -51.31 -4.36
N PHE F 157 47.98 -52.56 -4.82
CA PHE F 157 48.94 -53.17 -5.72
C PHE F 157 48.28 -53.21 -7.10
N LEU F 158 48.70 -52.32 -7.99
CA LEU F 158 48.06 -52.21 -9.31
C LEU F 158 48.84 -53.07 -10.31
N TYR F 159 48.30 -54.24 -10.62
CA TYR F 159 48.88 -55.10 -11.64
C TYR F 159 48.55 -54.56 -13.02
N LEU F 160 49.52 -54.57 -13.93
CA LEU F 160 49.37 -53.94 -15.24
C LEU F 160 50.01 -54.79 -16.33
N GLY F 161 49.38 -54.79 -17.51
CA GLY F 161 49.94 -55.50 -18.64
C GLY F 161 48.99 -55.49 -19.82
N THR F 162 49.27 -56.37 -20.78
CA THR F 162 48.43 -56.50 -21.96
C THR F 162 47.37 -57.57 -21.70
N PRO F 163 46.08 -57.26 -21.81
CA PRO F 163 45.05 -58.27 -21.56
C PRO F 163 45.02 -59.33 -22.66
N GLN F 164 44.62 -60.54 -22.27
CA GLN F 164 44.62 -61.66 -23.21
C GLN F 164 43.20 -62.18 -23.46
N PRO F 174 23.58 -51.15 -17.19
CA PRO F 174 23.90 -50.13 -16.20
C PRO F 174 22.68 -49.30 -15.79
N ASP F 175 22.02 -49.70 -14.72
CA ASP F 175 20.83 -49.00 -14.23
C ASP F 175 21.12 -48.45 -12.83
N PRO F 176 21.28 -47.14 -12.67
CA PRO F 176 21.60 -46.58 -11.35
C PRO F 176 20.39 -46.39 -10.47
N THR F 177 19.37 -47.24 -10.61
CA THR F 177 18.13 -47.03 -9.85
C THR F 177 18.28 -47.33 -8.37
N PRO F 178 18.81 -48.48 -7.93
CA PRO F 178 18.79 -48.79 -6.49
C PRO F 178 19.78 -48.00 -5.64
N PHE F 179 20.65 -47.18 -6.24
CA PHE F 179 21.69 -46.51 -5.48
C PHE F 179 21.60 -44.98 -5.54
N VAL F 180 20.68 -44.42 -6.30
CA VAL F 180 20.54 -42.98 -6.44
C VAL F 180 19.32 -42.53 -5.64
N ARG F 181 19.51 -41.48 -4.84
CA ARG F 181 18.43 -40.85 -4.09
C ARG F 181 18.38 -39.37 -4.46
N TYR F 182 17.16 -38.83 -4.50
CA TYR F 182 16.97 -37.42 -4.76
C TYR F 182 16.73 -36.72 -3.42
N PHE F 183 17.66 -35.86 -3.04
CA PHE F 183 17.54 -35.11 -1.79
C PHE F 183 16.29 -34.24 -1.84
N1 FMN G . -52.48 44.13 15.52
C2 FMN G . -53.69 44.74 15.69
O2 FMN G . -54.04 45.09 16.81
N3 FMN G . -54.53 44.95 14.61
C4 FMN G . -54.13 44.56 13.35
O4 FMN G . -54.87 44.76 12.38
C4A FMN G . -52.89 43.96 13.18
N5 FMN G . -52.48 43.56 11.92
C5A FMN G . -51.25 42.96 11.77
C6 FMN G . -50.84 42.56 10.50
C7 FMN G . -49.60 41.96 10.32
C7M FMN G . -49.17 41.54 8.95
C8 FMN G . -48.77 41.74 11.41
C8M FMN G . -47.44 41.08 11.20
C9 FMN G . -49.17 42.14 12.69
C9A FMN G . -50.42 42.74 12.87
N10 FMN G . -50.83 43.15 14.12
C10 FMN G . -52.06 43.74 14.27
C1' FMN G . -49.96 42.93 15.34
C2' FMN G . -49.32 44.24 15.82
O2' FMN G . -48.57 44.84 14.80
C3' FMN G . -48.41 43.96 17.02
O3' FMN G . -47.39 43.07 16.61
C4' FMN G . -49.19 43.40 18.20
O4' FMN G . -50.00 44.42 18.76
C5' FMN G . -48.26 42.85 19.27
O5' FMN G . -47.50 43.92 19.82
P FMN G . -45.90 43.87 19.81
O1P FMN G . -45.44 44.15 18.39
O2P FMN G . -45.35 44.93 20.74
O3P FMN G . -45.40 42.50 20.25
C1 CIT H . -58.81 43.49 13.99
O1 CIT H . -59.63 42.92 13.24
O2 CIT H . -58.85 43.27 15.22
C2 CIT H . -57.76 44.42 13.42
C3 CIT H . -58.06 45.87 13.81
O7 CIT H . -57.20 46.20 14.92
C4 CIT H . -57.78 46.82 12.65
C5 CIT H . -57.65 48.23 13.18
O3 CIT H . -57.62 49.20 12.39
O4 CIT H . -57.59 48.45 14.40
C6 CIT H . -59.50 46.03 14.24
O5 CIT H . -60.41 46.08 13.38
O6 CIT H . -59.81 46.09 15.45
C1 PGE I . -45.44 65.25 26.51
O1 PGE I . -44.60 66.17 25.83
C2 PGE I . -45.39 63.92 25.79
O2 PGE I . -46.48 63.12 26.21
C3 PGE I . -47.19 62.51 25.15
C4 PGE I . -48.43 63.31 24.84
O4 PGE I . -49.07 66.22 21.16
C6 PGE I . -48.61 66.13 22.50
C5 PGE I . -48.85 64.72 22.99
O3 PGE I . -48.04 64.47 24.11
C1 EDO J . -67.60 60.57 16.82
O1 EDO J . -67.51 60.25 15.43
C2 EDO J . -69.05 60.87 17.20
O2 EDO J . -69.12 61.26 18.57
C1 PEG K . -30.34 35.21 -7.14
O1 PEG K . -30.93 36.20 -7.95
C2 PEG K . -28.96 34.86 -7.62
O2 PEG K . -28.40 33.85 -6.77
C3 PEG K . -26.99 33.97 -6.61
C4 PEG K . -26.30 33.41 -7.81
O4 PEG K . -24.90 33.33 -7.62
N1 FMN L . -31.42 36.25 -2.97
C2 FMN L . -30.79 35.20 -3.59
O2 FMN L . -29.67 35.38 -4.08
N3 FMN L . -31.38 33.96 -3.65
C4 FMN L . -32.63 33.76 -3.11
O4 FMN L . -33.16 32.65 -3.16
C4A FMN L . -33.29 34.82 -2.48
N5 FMN L . -34.53 34.62 -1.92
C5A FMN L . -35.18 35.67 -1.31
C6 FMN L . -36.43 35.48 -0.75
C7 FMN L . -37.09 36.53 -0.12
C7M FMN L . -38.45 36.33 0.48
C8 FMN L . -36.49 37.78 -0.05
C8M FMN L . -37.20 38.92 0.63
C9 FMN L . -35.23 37.97 -0.61
C9A FMN L . -34.57 36.93 -1.24
N10 FMN L . -33.31 37.12 -1.78
C10 FMN L . -32.68 36.06 -2.41
C1' FMN L . -32.65 38.48 -1.73
C2' FMN L . -31.51 38.52 -0.71
O2' FMN L . -32.02 38.20 0.56
C3' FMN L . -30.85 39.88 -0.68
O3' FMN L . -31.78 40.87 -0.31
C4' FMN L . -30.24 40.23 -2.04
O4' FMN L . -29.17 39.35 -2.30
C5' FMN L . -29.73 41.66 -2.06
O5' FMN L . -28.93 41.84 -0.92
P FMN L . -29.12 43.14 0.03
O1P FMN L . -29.80 44.23 -0.76
O2P FMN L . -27.79 43.61 0.53
O3P FMN L . -30.01 42.73 1.19
C1 CIT M . -29.68 29.60 -3.78
O1 CIT M . -29.92 28.61 -3.05
O2 CIT M . -28.50 29.79 -4.15
C2 CIT M . -30.79 30.55 -4.14
C3 CIT M . -31.15 30.56 -5.63
O7 CIT M . -32.50 30.05 -5.80
C4 CIT M . -31.10 31.99 -6.14
C5 CIT M . -31.59 32.02 -7.57
O3 CIT M . -32.80 31.95 -7.84
O4 CIT M . -30.76 32.13 -8.51
C6 CIT M . -30.19 29.76 -6.50
O5 CIT M . -29.10 30.25 -6.86
O6 CIT M . -30.47 28.60 -6.85
C1 EDO N . -18.20 33.95 -5.08
O1 EDO N . -18.98 34.96 -5.75
C2 EDO N . -19.13 33.04 -4.28
O2 EDO N . -20.03 32.36 -5.16
C1 EDO O . -59.47 38.75 4.48
O1 EDO O . -59.29 39.49 5.69
C2 EDO O . -58.14 38.11 4.08
O2 EDO O . -57.10 39.07 4.21
C1 EDO P . -10.10 31.79 2.52
O1 EDO P . -11.26 31.80 3.36
C2 EDO P . -9.08 32.80 3.03
O2 EDO P . -8.67 32.43 4.36
N1 FMN Q . -9.14 8.78 -8.78
C2 FMN Q . -9.85 9.93 -9.00
O2 FMN Q . -10.99 9.86 -9.46
N3 FMN Q . -9.30 11.15 -8.70
C4 FMN Q . -8.01 11.23 -8.19
O4 FMN Q . -7.51 12.33 -7.93
C4A FMN Q . -7.29 10.07 -7.98
N5 FMN Q . -6.01 10.14 -7.47
C5A FMN Q . -5.29 8.98 -7.24
C6 FMN Q . -4.00 9.06 -6.73
C7 FMN Q . -3.28 7.90 -6.51
C7M FMN Q . -1.88 7.97 -5.96
C8 FMN Q . -3.84 6.66 -6.80
C8M FMN Q . -3.05 5.40 -6.56
C9 FMN Q . -5.13 6.58 -7.32
C9A FMN Q . -5.86 7.75 -7.54
N10 FMN Q . -7.14 7.68 -8.05
C10 FMN Q . -7.86 8.84 -8.26
C1' FMN Q . -7.77 6.36 -8.37
C2' FMN Q . -8.81 5.98 -7.33
O2' FMN Q . -8.23 6.00 -6.04
C3' FMN Q . -9.38 4.60 -7.63
O3' FMN Q . -8.33 3.67 -7.70
C4' FMN Q . -10.16 4.61 -8.95
O4' FMN Q . -11.30 5.44 -8.81
C5' FMN Q . -10.62 3.21 -9.31
O5' FMN Q . -11.29 2.70 -8.17
P FMN Q . -10.96 1.23 -7.61
O1P FMN Q . -10.29 0.43 -8.70
O2P FMN Q . -10.02 1.38 -6.45
O3P FMN Q . -12.23 0.55 -7.18
C1 CIT R . -8.73 14.38 -10.43
O1 CIT R . -8.83 14.05 -11.63
O2 CIT R . -7.66 14.90 -10.03
C2 CIT R . -9.87 14.18 -9.47
C3 CIT R . -10.31 15.53 -8.93
O7 CIT R . -9.15 16.23 -8.41
C4 CIT R . -11.36 15.37 -7.84
C5 CIT R . -10.88 16.03 -6.57
O3 CIT R . -11.31 17.16 -6.25
O4 CIT R . -10.06 15.47 -5.82
C6 CIT R . -10.92 16.32 -10.08
O5 CIT R . -12.17 16.41 -10.18
O6 CIT R . -10.20 16.89 -10.93
C1 PEG S . 13.67 -18.16 -18.69
O1 PEG S . 12.44 -17.46 -18.61
C2 PEG S . 14.75 -17.33 -19.31
O2 PEG S . 15.07 -16.23 -18.46
C3 PEG S . 15.60 -15.13 -19.16
C4 PEG S . 16.15 -14.12 -18.19
O4 PEG S . 15.19 -13.76 -17.21
C1 PEG T . -19.99 11.15 12.14
O1 PEG T . -19.28 9.97 11.77
C2 PEG T . -19.20 12.38 11.83
O2 PEG T . -18.24 12.61 12.87
C3 PEG T . -18.85 12.80 14.14
C4 PEG T . -17.78 12.87 15.19
O4 PEG T . -18.32 12.66 16.48
C1 PGE U . -10.95 10.97 -13.14
O1 PGE U . -10.22 9.83 -12.74
C2 PGE U . -11.20 11.84 -11.92
O2 PGE U . -12.45 12.49 -12.05
C3 PGE U . -12.95 12.98 -10.83
C4 PGE U . -14.38 13.43 -11.04
O4 PGE U . -16.36 15.47 -8.31
C6 PGE U . -16.11 14.09 -8.07
C5 PGE U . -14.81 13.72 -8.74
O3 PGE U . -14.74 14.32 -10.01
C1 EDO V . -1.24 28.63 7.97
O1 EDO V . -0.09 28.09 7.31
C2 EDO V . -2.49 28.23 7.20
O2 EDO V . -3.57 29.11 7.53
C1 EDO W . -29.07 8.07 6.15
O1 EDO W . -28.65 7.63 7.44
C2 EDO W . -27.87 8.21 5.22
O2 EDO W . -26.99 9.21 5.71
N1 FMN X . 13.86 -3.62 4.60
C2 FMN X . 15.09 -4.22 4.46
O2 FMN X . 15.56 -4.88 5.39
N3 FMN X . 15.81 -4.06 3.29
C4 FMN X . 15.28 -3.30 2.26
O4 FMN X . 15.92 -3.16 1.21
C4A FMN X . 14.04 -2.71 2.40
N5 FMN X . 13.51 -1.96 1.36
C5A FMN X . 12.28 -1.36 1.50
C6 FMN X . 11.76 -0.60 0.45
C7 FMN X . 10.51 -0.01 0.58
C7M FMN X . 9.95 0.81 -0.55
C8 FMN X . 9.79 -0.16 1.75
C8M FMN X . 8.44 0.50 1.87
C9 FMN X . 10.30 -0.92 2.80
C9A FMN X . 11.55 -1.52 2.67
N10 FMN X . 12.08 -2.28 3.71
C10 FMN X . 13.32 -2.87 3.57
C1' FMN X . 11.31 -2.45 4.98
C2' FMN X . 10.68 -3.84 5.06
O2' FMN X . 9.82 -4.05 3.96
C3' FMN X . 9.91 -4.01 6.37
O3' FMN X . 8.92 -3.03 6.46
C4' FMN X . 10.84 -3.89 7.59
O4' FMN X . 11.65 -5.05 7.70
C5' FMN X . 9.99 -3.76 8.86
O5' FMN X . 9.21 -4.92 9.00
P FMN X . 7.62 -4.82 9.24
O1P FMN X . 6.95 -4.52 7.92
O2P FMN X . 7.10 -6.13 9.80
O3P FMN X . 7.32 -3.71 10.22
C1 CIT Y . 18.85 -6.47 0.80
O1 CIT Y . 18.87 -7.00 1.93
O2 CIT Y . 18.76 -7.22 -0.20
C2 CIT Y . 18.93 -4.98 0.64
C3 CIT Y . 19.42 -4.35 1.94
O7 CIT Y . 18.61 -4.82 3.04
C4 CIT Y . 19.33 -2.84 1.86
C5 CIT Y . 19.69 -2.26 3.21
O3 CIT Y . 20.33 -1.19 3.29
O4 CIT Y . 19.39 -2.87 4.25
C6 CIT Y . 20.88 -4.74 2.15
O5 CIT Y . 21.74 -4.48 1.29
O6 CIT Y . 21.22 -5.33 3.19
C1 PGE Z . -6.13 25.34 9.80
O1 PGE Z . -5.96 23.92 9.78
C2 PGE Z . -6.35 25.80 11.23
O2 PGE Z . -6.86 24.70 11.99
C3 PGE Z . -7.65 25.09 13.09
C4 PGE Z . -8.17 23.83 13.74
O4 PGE Z . -6.95 23.27 17.35
C6 PGE Z . -7.64 22.15 16.81
C5 PGE Z . -7.54 22.17 15.30
O3 PGE Z . -7.37 23.51 14.86
C1 PEG AA . 20.50 -10.15 4.82
O1 PEG AA . 19.17 -10.39 5.26
C2 PEG AA . 21.03 -8.87 5.38
O2 PEG AA . 20.14 -7.81 5.09
C3 PEG AA . 19.64 -7.16 6.25
C4 PEG AA . 19.51 -5.69 6.00
O4 PEG AA . 18.19 -5.24 6.23
C1 EDO BA . 14.48 -25.46 7.80
O1 EDO BA . 14.30 -25.49 6.38
C2 EDO BA . 15.22 -24.18 8.19
O2 EDO BA . 14.54 -23.05 7.60
N1 FMN CA . 39.10 -28.56 -2.36
C2 FMN CA . 38.47 -27.49 -1.77
O2 FMN CA . 38.67 -26.36 -2.21
N3 FMN CA . 37.64 -27.69 -0.69
C4 FMN CA . 37.42 -28.96 -0.20
O4 FMN CA . 36.66 -29.12 0.76
C4A FMN CA . 38.05 -30.04 -0.80
N5 FMN CA . 37.84 -31.33 -0.33
C5A FMN CA . 38.47 -32.39 -0.93
C6 FMN CA . 38.26 -33.68 -0.45
C7 FMN CA . 38.91 -34.75 -1.05
C7M FMN CA . 38.67 -36.14 -0.53
C8 FMN CA . 39.75 -34.55 -2.14
C8M FMN CA . 40.44 -35.72 -2.80
C9 FMN CA . 39.95 -33.27 -2.61
C9A FMN CA . 39.32 -32.18 -2.02
N10 FMN CA . 39.52 -30.90 -2.50
C10 FMN CA . 38.89 -29.83 -1.88
C1' FMN CA . 40.44 -30.65 -3.66
C2' FMN CA . 39.65 -30.31 -4.93
O2' FMN CA . 38.74 -31.34 -5.22
C3' FMN CA . 40.60 -30.09 -6.11
O3' FMN CA . 41.41 -31.23 -6.28
C4' FMN CA . 41.48 -28.86 -5.87
O4' FMN CA . 40.66 -27.72 -5.95
C5' FMN CA . 42.58 -28.76 -6.91
O5' FMN CA . 41.99 -28.61 -8.18
P FMN CA . 42.35 -29.61 -9.39
O1P FMN CA . 43.82 -29.99 -9.29
O2P FMN CA . 42.08 -28.94 -10.71
O3P FMN CA . 41.51 -30.84 -9.26
C1 CIT DA . 37.61 -26.15 3.70
O1 CIT DA . 38.25 -25.22 3.19
O2 CIT DA . 37.87 -26.50 4.87
C2 CIT DA . 36.56 -26.91 2.90
C3 CIT DA . 35.52 -26.00 2.24
O7 CIT DA . 35.96 -25.74 0.89
C4 CIT DA . 34.14 -26.67 2.21
C5 CIT DA . 33.28 -25.98 1.17
O3 CIT DA . 32.07 -26.29 1.03
O4 CIT DA . 33.77 -25.10 0.43
C6 CIT DA . 35.39 -24.66 2.98
O5 CIT DA . 34.86 -24.61 4.10
O6 CIT DA . 35.83 -23.61 2.46
C1 PGE EA . 10.39 -29.90 0.51
O1 PGE EA . 9.13 -30.53 0.34
C2 PGE EA . 10.22 -28.69 1.42
O2 PGE EA . 11.48 -28.08 1.63
C3 PGE EA . 11.80 -27.90 3.00
C4 PGE EA . 12.99 -26.97 3.12
O4 PGE EA . 16.03 -29.95 5.00
C6 PGE EA . 15.29 -28.78 5.31
C5 PGE EA . 14.17 -28.63 4.29
O3 PGE EA . 13.74 -27.29 4.27
C1 PEG FA . 39.35 -17.55 -21.78
O1 PEG FA . 40.20 -18.57 -22.29
C2 PEG FA . 39.46 -17.46 -20.29
O2 PEG FA . 38.79 -18.56 -19.70
C3 PEG FA . 37.64 -18.15 -18.95
C4 PEG FA . 36.60 -19.23 -19.01
O4 PEG FA . 36.90 -20.28 -18.11
C1 EDO GA . 33.71 -21.50 7.81
O1 EDO GA . 34.28 -22.43 8.75
C2 EDO GA . 34.02 -20.08 8.27
O2 EDO GA . 33.70 -19.16 7.22
C1 PEG HA . 35.19 -22.39 -0.52
O1 PEG HA . 34.39 -21.73 -1.48
C2 PEG HA . 36.54 -22.73 -1.08
O2 PEG HA . 37.16 -23.72 -0.26
C3 PEG HA . 38.51 -23.41 0.06
C4 PEG HA . 39.27 -24.68 0.30
O4 PEG HA . 40.51 -24.43 0.93
N1 FMN IA . 39.90 -57.51 -6.42
C2 FMN IA . 40.58 -58.68 -6.22
O2 FMN IA . 40.32 -59.67 -6.91
N3 FMN IA . 41.55 -58.77 -5.24
C4 FMN IA . 41.84 -57.66 -4.47
O4 FMN IA . 42.71 -57.75 -3.59
C4A FMN IA . 41.16 -56.47 -4.67
N5 FMN IA . 41.43 -55.37 -3.90
C5A FMN IA . 40.74 -54.19 -4.09
C6 FMN IA . 41.05 -53.09 -3.31
C7 FMN IA . 40.37 -51.89 -3.49
C7M FMN IA . 40.69 -50.70 -2.64
C8 FMN IA . 39.40 -51.80 -4.48
C8M FMN IA . 38.67 -50.51 -4.66
C9 FMN IA . 39.09 -52.91 -5.27
C9A FMN IA . 39.77 -54.11 -5.09
N10 FMN IA . 39.49 -55.23 -5.87
C10 FMN IA . 40.18 -56.40 -5.65
C1' FMN IA . 38.43 -55.19 -6.95
C2' FMN IA . 39.06 -55.10 -8.35
O2' FMN IA . 39.89 -53.96 -8.43
C3' FMN IA . 37.98 -54.99 -9.42
O3' FMN IA . 37.21 -53.84 -9.17
C4' FMN IA . 37.09 -56.23 -9.45
O4' FMN IA . 37.83 -57.36 -9.90
C5' FMN IA . 35.86 -56.03 -10.32
O5' FMN IA . 36.23 -55.89 -11.67
P FMN IA . 35.84 -54.57 -12.50
O1P FMN IA . 36.77 -53.45 -12.07
O2P FMN IA . 36.01 -54.82 -13.99
O3P FMN IA . 34.41 -54.18 -12.19
C1 CIT JA . 41.39 -61.61 -1.78
O1 CIT JA . 40.59 -62.16 -2.58
O2 CIT JA . 41.29 -61.86 -0.57
C2 CIT JA . 42.45 -60.65 -2.29
C3 CIT JA . 43.38 -61.35 -3.27
O7 CIT JA . 42.79 -61.26 -4.59
C4 CIT JA . 44.76 -60.68 -3.27
C5 CIT JA . 45.51 -61.07 -4.52
O3 CIT JA . 44.94 -61.70 -5.44
O4 CIT JA . 46.72 -60.77 -4.64
C6 CIT JA . 43.57 -62.80 -2.89
O5 CIT JA . 43.35 -63.71 -3.73
O6 CIT JA . 43.93 -63.12 -1.74
C1 PEG KA . 65.13 -60.54 -3.57
O1 PEG KA . 65.46 -60.40 -4.94
C2 PEG KA . 65.07 -61.99 -3.18
O2 PEG KA . 65.18 -62.10 -1.76
C3 PEG KA . 65.02 -63.43 -1.28
C4 PEG KA . 65.12 -63.46 0.21
O4 PEG KA . 63.94 -63.01 0.83
C1 PEG LA . 49.93 -73.05 -7.39
O1 PEG LA . 49.73 -74.03 -8.38
C2 PEG LA . 51.06 -72.12 -7.76
O2 PEG LA . 52.16 -72.88 -8.25
C3 PEG LA . 53.18 -73.08 -7.29
C4 PEG LA . 53.20 -74.52 -6.88
O4 PEG LA . 54.34 -74.82 -6.08
C1 PGE MA . 11.36 -37.53 -3.64
O1 PGE MA . 10.15 -37.73 -4.36
C2 PGE MA . 11.34 -36.14 -3.04
O2 PGE MA . 12.59 -35.89 -2.44
C3 PGE MA . 12.62 -36.14 -1.04
C4 PGE MA . 12.16 -34.90 -0.30
O4 PGE MA . 15.48 -34.24 1.54
C6 PGE MA . 14.42 -34.30 2.49
C5 PGE MA . 13.09 -34.15 1.78
O3 PGE MA . 13.27 -34.37 0.40
#